data_6D5C
#
_entry.id   6D5C
#
_cell.length_a   173.307
_cell.length_b   98.497
_cell.length_c   78.810
_cell.angle_alpha   90.00
_cell.angle_beta   93.58
_cell.angle_gamma   90.00
#
_symmetry.space_group_name_H-M   'C 1 2 1'
#
loop_
_entity.id
_entity.type
_entity.pdbx_description
1 polymer 'glycoside hydrolase WP_045175321'
2 non-polymer 'SULFATE ION'
3 non-polymer 1,2-ETHANEDIOL
4 non-polymer GLYCEROL
5 non-polymer 'FORMIC ACID'
6 water water
#
_entity_poly.entity_id   1
_entity_poly.type   'polypeptide(L)'
_entity_poly.pdbx_seq_one_letter_code
;MAHHHHHHVDDDDKAPDWSIPSLCESYKDDFIIGVAIPARCLSNDTDKRMVLKHFNSITAENEMKPESLLAGQTSTGLSY
RFSTADAFVDFASTNKIGIRGHTLVWHNQTPDWFFKDSNGQRLSKDALLARLKQYIYDVVGRYKGKVYAWDVVNEAIDEN
QSDGYRRSTWYEICGPEYIEKAFIWAHEADPNAKLFYNDYNTEISKKREFIYNMVKNLKSKGIPIHGIGMQCHINVNWPS
VSEIENSIKLFSSIPGIEIHITELDMSLYNYGSSENYSTPPQDLLQKQAQKYKEIFTMLKKYKNVVKSVTFWGLKDDYSW
LRSFYGKNDWPLLFFEDYSAKPAYWAVIEA
;
_entity_poly.pdbx_strand_id   A,B,C
#
loop_
_chem_comp.id
_chem_comp.type
_chem_comp.name
_chem_comp.formula
EDO non-polymer 1,2-ETHANEDIOL 'C2 H6 O2'
FMT non-polymer 'FORMIC ACID' 'C H2 O2'
GOL non-polymer GLYCEROL 'C3 H8 O3'
SO4 non-polymer 'SULFATE ION' 'O4 S -2'
#
# COMPACT_ATOMS: atom_id res chain seq x y z
N LYS A 14 7.57 45.94 -2.27
CA LYS A 14 9.03 45.56 -2.31
C LYS A 14 9.92 46.68 -1.85
N ALA A 15 10.93 46.37 -1.02
CA ALA A 15 11.98 47.32 -0.63
C ALA A 15 13.37 46.65 -0.53
N PRO A 16 13.85 46.00 -1.63
CA PRO A 16 15.22 45.50 -1.58
C PRO A 16 16.20 46.64 -1.68
N ASP A 17 17.25 46.64 -0.86
CA ASP A 17 18.29 47.65 -1.02
C ASP A 17 19.53 47.12 -1.73
N TRP A 18 19.64 47.46 -3.02
CA TRP A 18 20.76 47.01 -3.83
C TRP A 18 22.09 47.65 -3.45
N SER A 19 22.10 48.72 -2.62
CA SER A 19 23.33 49.41 -2.27
C SER A 19 24.11 48.83 -1.09
N ILE A 20 23.47 48.00 -0.26
CA ILE A 20 24.09 47.53 0.99
C ILE A 20 25.20 46.50 0.70
N PRO A 21 26.08 46.22 1.67
CA PRO A 21 27.11 45.22 1.45
C PRO A 21 26.53 43.82 1.16
N SER A 22 27.09 43.19 0.14
CA SER A 22 26.86 41.76 -0.16
C SER A 22 27.37 40.92 0.99
N LEU A 23 26.48 40.08 1.55
CA LEU A 23 26.89 39.10 2.54
C LEU A 23 28.07 38.30 2.10
N CYS A 24 27.95 37.69 0.91
CA CYS A 24 29.03 36.73 0.52
C CYS A 24 30.36 37.46 0.26
N GLU A 25 30.27 38.65 -0.33
N GLU A 25 30.27 38.65 -0.29
CA GLU A 25 31.48 39.48 -0.51
CA GLU A 25 31.51 39.42 -0.49
C GLU A 25 32.11 39.83 0.82
C GLU A 25 32.11 39.85 0.83
N SER A 26 31.27 40.22 1.78
CA SER A 26 31.78 40.58 3.11
C SER A 26 32.52 39.43 3.75
N TYR A 27 32.07 38.19 3.47
CA TYR A 27 32.71 36.96 3.98
C TYR A 27 33.68 36.28 2.97
N LYS A 28 34.08 36.99 1.93
CA LYS A 28 35.16 36.61 0.94
C LYS A 28 36.28 35.75 1.45
N ASP A 29 36.84 36.15 2.59
N ASP A 29 36.84 36.18 2.59
CA ASP A 29 38.02 35.51 3.13
CA ASP A 29 38.01 35.58 3.18
C ASP A 29 37.73 34.64 4.35
C ASP A 29 37.72 34.66 4.36
N ASP A 30 36.45 34.32 4.54
CA ASP A 30 36.02 33.48 5.64
C ASP A 30 35.49 32.14 5.08
N PHE A 31 34.39 32.24 4.34
CA PHE A 31 33.62 31.07 3.87
C PHE A 31 32.51 31.44 2.92
N ILE A 32 32.07 30.42 2.18
CA ILE A 32 31.00 30.56 1.22
C ILE A 32 29.77 30.87 2.09
N ILE A 33 28.90 31.69 1.56
CA ILE A 33 27.60 32.00 2.14
C ILE A 33 26.50 31.65 1.17
N GLY A 34 25.64 30.70 1.59
CA GLY A 34 24.66 30.13 0.70
C GLY A 34 23.20 30.37 1.08
N VAL A 35 22.30 30.10 0.17
CA VAL A 35 20.89 30.23 0.41
C VAL A 35 20.08 29.06 -0.20
N ALA A 36 19.16 28.50 0.58
CA ALA A 36 18.20 27.57 0.05
C ALA A 36 17.07 28.34 -0.59
N ILE A 37 16.78 27.99 -1.84
CA ILE A 37 15.58 28.50 -2.57
C ILE A 37 14.79 27.46 -3.34
N PRO A 38 13.48 27.69 -3.49
CA PRO A 38 12.66 26.96 -4.45
C PRO A 38 12.89 27.38 -5.90
N ALA A 39 12.34 26.59 -6.81
CA ALA A 39 12.57 26.79 -8.25
C ALA A 39 12.07 28.14 -8.72
N ARG A 40 10.92 28.61 -8.24
N ARG A 40 10.93 28.60 -8.20
CA ARG A 40 10.40 29.90 -8.70
CA ARG A 40 10.38 29.91 -8.61
C ARG A 40 11.38 31.06 -8.51
C ARG A 40 11.39 31.05 -8.52
N CYS A 41 12.32 30.94 -7.57
CA CYS A 41 13.29 32.01 -7.34
C CYS A 41 14.28 32.20 -8.46
N LEU A 42 14.58 31.12 -9.21
CA LEU A 42 15.57 31.16 -10.28
C LEU A 42 15.18 32.13 -11.39
N SER A 43 13.87 32.16 -11.66
CA SER A 43 13.29 32.97 -12.69
C SER A 43 12.41 34.12 -12.17
N ASN A 44 12.52 34.51 -10.91
CA ASN A 44 11.88 35.76 -10.46
C ASN A 44 12.98 36.82 -10.47
N ASP A 45 12.72 37.95 -11.15
CA ASP A 45 13.71 39.01 -11.33
C ASP A 45 14.31 39.51 -10.03
N THR A 46 13.47 39.83 -9.06
CA THR A 46 13.99 40.30 -7.78
C THR A 46 14.66 39.20 -6.93
N ASP A 47 14.03 38.04 -6.85
CA ASP A 47 14.64 36.92 -6.10
C ASP A 47 16.01 36.62 -6.64
N LYS A 48 16.10 36.51 -7.96
CA LYS A 48 17.34 36.17 -8.65
C LYS A 48 18.44 37.19 -8.34
N ARG A 49 18.08 38.46 -8.40
CA ARG A 49 19.04 39.51 -8.17
C ARG A 49 19.58 39.51 -6.76
N MET A 50 18.66 39.29 -5.80
CA MET A 50 18.98 39.13 -4.36
C MET A 50 19.97 37.98 -4.14
N VAL A 51 19.63 36.82 -4.73
CA VAL A 51 20.46 35.63 -4.57
C VAL A 51 21.86 35.90 -5.03
N LEU A 52 21.96 36.45 -6.25
CA LEU A 52 23.28 36.72 -6.85
C LEU A 52 24.01 37.88 -6.15
N LYS A 53 23.27 38.82 -5.57
CA LYS A 53 23.97 39.87 -4.81
C LYS A 53 24.60 39.35 -3.57
N HIS A 54 23.85 38.53 -2.83
CA HIS A 54 24.31 38.13 -1.51
C HIS A 54 24.98 36.77 -1.35
N PHE A 55 24.76 35.88 -2.32
CA PHE A 55 25.14 34.47 -2.08
C PHE A 55 26.02 33.91 -3.19
N ASN A 56 27.04 33.14 -2.80
CA ASN A 56 27.84 32.42 -3.74
C ASN A 56 27.68 30.87 -3.59
N SER A 57 26.53 30.44 -3.10
CA SER A 57 26.11 29.01 -3.10
C SER A 57 24.63 28.97 -2.96
N ILE A 58 23.97 28.01 -3.60
CA ILE A 58 22.51 27.81 -3.42
C ILE A 58 22.29 26.33 -3.09
N THR A 59 21.17 26.06 -2.47
CA THR A 59 20.68 24.70 -2.30
C THR A 59 19.28 24.69 -2.76
N ALA A 60 18.88 23.64 -3.49
CA ALA A 60 17.51 23.51 -3.89
C ALA A 60 16.71 23.08 -2.65
N GLU A 61 15.73 23.88 -2.29
CA GLU A 61 14.97 23.64 -1.11
C GLU A 61 14.30 22.25 -1.12
N ASN A 62 13.72 21.87 -2.26
CA ASN A 62 13.11 20.54 -2.37
C ASN A 62 13.38 19.80 -3.66
N GLU A 63 13.92 20.49 -4.65
CA GLU A 63 13.86 20.01 -6.05
C GLU A 63 14.94 19.00 -6.42
N MET A 64 15.90 18.77 -5.55
CA MET A 64 16.88 17.71 -5.72
C MET A 64 16.72 16.50 -4.75
N LYS A 65 15.58 16.39 -4.07
CA LYS A 65 15.26 15.29 -3.22
C LYS A 65 14.66 14.13 -4.06
N PRO A 66 14.69 12.89 -3.50
CA PRO A 66 14.25 11.77 -4.32
C PRO A 66 12.80 11.86 -4.89
N GLU A 67 11.87 12.37 -4.11
CA GLU A 67 10.49 12.53 -4.62
C GLU A 67 10.43 13.49 -5.83
N SER A 68 11.35 14.44 -5.94
CA SER A 68 11.33 15.38 -7.06
C SER A 68 12.04 14.87 -8.30
N LEU A 69 13.08 14.08 -8.10
CA LEU A 69 13.85 13.51 -9.21
C LEU A 69 13.23 12.25 -9.80
N LEU A 70 12.46 11.50 -9.02
CA LEU A 70 12.02 10.19 -9.44
C LEU A 70 10.70 10.25 -10.17
N ALA A 71 10.64 9.65 -11.35
CA ALA A 71 9.36 9.57 -12.07
C ALA A 71 8.65 8.24 -11.83
N GLY A 72 9.43 7.15 -11.68
CA GLY A 72 8.84 5.84 -11.52
C GLY A 72 9.90 4.75 -11.74
N GLN A 73 9.42 3.53 -11.91
CA GLN A 73 10.27 2.34 -12.10
C GLN A 73 9.79 1.58 -13.32
N THR A 74 10.71 0.90 -14.02
CA THR A 74 10.36 -0.14 -14.96
C THR A 74 10.56 -1.48 -14.18
N SER A 75 10.46 -2.61 -14.90
CA SER A 75 10.71 -3.92 -14.29
C SER A 75 12.13 -4.02 -13.71
N THR A 76 13.07 -3.28 -14.22
CA THR A 76 14.49 -3.39 -13.87
C THR A 76 15.21 -2.12 -13.47
N GLY A 77 14.60 -0.95 -13.65
CA GLY A 77 15.32 0.30 -13.33
C GLY A 77 14.39 1.41 -12.94
N LEU A 78 14.96 2.59 -12.87
CA LEU A 78 14.32 3.83 -12.45
C LEU A 78 14.20 4.82 -13.60
N SER A 79 13.15 5.63 -13.56
CA SER A 79 13.03 6.72 -14.49
C SER A 79 12.91 8.00 -13.69
N TYR A 80 13.34 9.06 -14.32
CA TYR A 80 13.67 10.31 -13.63
C TYR A 80 13.07 11.50 -14.31
N ARG A 81 12.96 12.60 -13.56
N ARG A 81 12.87 12.58 -13.56
CA ARG A 81 12.59 13.90 -14.10
CA ARG A 81 12.61 13.89 -14.13
C ARG A 81 13.65 14.88 -13.60
C ARG A 81 13.66 14.86 -13.60
N PHE A 82 14.50 15.33 -14.52
CA PHE A 82 15.62 16.16 -14.23
C PHE A 82 15.50 17.61 -14.67
N SER A 83 14.44 18.00 -15.35
CA SER A 83 14.51 19.33 -15.99
C SER A 83 14.54 20.47 -14.98
N THR A 84 13.81 20.37 -13.88
CA THR A 84 13.93 21.43 -12.87
C THR A 84 15.27 21.39 -12.17
N ALA A 85 15.80 20.20 -11.90
CA ALA A 85 17.07 20.14 -11.19
C ALA A 85 18.21 20.59 -12.12
N ASP A 86 18.08 20.29 -13.42
CA ASP A 86 19.06 20.82 -14.39
C ASP A 86 19.07 22.37 -14.31
N ALA A 87 17.91 22.99 -14.17
CA ALA A 87 17.77 24.44 -14.14
C ALA A 87 18.54 25.02 -12.95
N PHE A 88 18.43 24.34 -11.82
CA PHE A 88 19.24 24.67 -10.63
C PHE A 88 20.76 24.55 -10.88
N VAL A 89 21.22 23.43 -11.39
CA VAL A 89 22.65 23.21 -11.53
C VAL A 89 23.22 24.18 -12.65
N ASP A 90 22.44 24.40 -13.70
CA ASP A 90 22.82 25.32 -14.79
C ASP A 90 22.85 26.76 -14.32
N PHE A 91 21.86 27.19 -13.50
CA PHE A 91 21.88 28.49 -12.84
C PHE A 91 23.19 28.73 -12.12
N ALA A 92 23.64 27.73 -11.39
CA ALA A 92 24.81 27.89 -10.60
C ALA A 92 26.03 27.95 -11.50
N SER A 93 26.05 27.07 -12.52
CA SER A 93 27.14 27.04 -13.49
C SER A 93 27.30 28.39 -14.20
N THR A 94 26.21 28.91 -14.74
N THR A 94 26.21 28.90 -14.75
CA THR A 94 26.22 30.15 -15.50
CA THR A 94 26.19 30.16 -15.49
C THR A 94 26.50 31.41 -14.66
C THR A 94 26.57 31.37 -14.63
N ASN A 95 26.07 31.44 -13.40
CA ASN A 95 26.43 32.56 -12.50
C ASN A 95 27.65 32.35 -11.68
N LYS A 96 28.38 31.26 -11.91
CA LYS A 96 29.62 30.95 -11.20
C LYS A 96 29.51 30.98 -9.66
N ILE A 97 28.48 30.31 -9.15
CA ILE A 97 28.30 30.06 -7.72
C ILE A 97 28.19 28.54 -7.55
N GLY A 98 28.42 28.07 -6.34
CA GLY A 98 28.32 26.68 -6.00
C GLY A 98 26.85 26.30 -5.83
N ILE A 99 26.60 25.01 -5.97
CA ILE A 99 25.32 24.39 -5.60
C ILE A 99 25.61 23.14 -4.79
N ARG A 100 25.06 23.10 -3.59
CA ARG A 100 25.07 21.92 -2.74
C ARG A 100 23.89 21.04 -3.16
N GLY A 101 24.19 19.79 -3.49
CA GLY A 101 23.15 18.78 -3.81
C GLY A 101 22.50 18.26 -2.55
N HIS A 102 21.19 18.23 -2.54
CA HIS A 102 20.46 17.99 -1.33
C HIS A 102 19.17 17.30 -1.76
N THR A 103 18.97 16.05 -1.40
CA THR A 103 19.85 15.11 -0.69
C THR A 103 19.62 13.73 -1.22
N LEU A 104 20.64 12.85 -1.18
CA LEU A 104 20.55 11.56 -1.89
C LEU A 104 19.77 10.46 -1.15
N VAL A 105 19.82 10.41 0.17
CA VAL A 105 19.30 9.34 1.01
C VAL A 105 18.65 10.03 2.24
N TRP A 106 17.31 9.89 2.38
CA TRP A 106 16.59 10.47 3.48
C TRP A 106 15.33 9.71 3.74
N HIS A 107 14.96 9.56 5.00
CA HIS A 107 13.70 8.91 5.31
C HIS A 107 12.48 9.73 4.87
N ASN A 108 12.65 11.03 4.72
CA ASN A 108 11.60 11.94 4.27
C ASN A 108 11.74 12.26 2.82
N GLN A 109 10.62 12.63 2.20
CA GLN A 109 10.62 13.14 0.84
C GLN A 109 11.16 12.18 -0.16
N THR A 110 10.92 10.90 0.08
CA THR A 110 11.30 9.81 -0.82
C THR A 110 10.00 8.97 -1.00
N PRO A 111 9.62 8.67 -2.25
CA PRO A 111 8.34 7.98 -2.45
C PRO A 111 8.28 6.63 -1.76
N ASP A 112 7.16 6.29 -1.13
CA ASP A 112 7.07 4.96 -0.59
C ASP A 112 7.36 3.85 -1.60
N TRP A 113 7.01 4.02 -2.87
CA TRP A 113 7.21 2.97 -3.89
C TRP A 113 8.69 2.72 -4.16
N PHE A 114 9.52 3.68 -3.82
CA PHE A 114 10.96 3.51 -3.91
C PHE A 114 11.53 2.33 -3.12
N PHE A 115 10.89 1.96 -2.01
CA PHE A 115 11.33 0.89 -1.16
C PHE A 115 10.72 -0.46 -1.52
N LYS A 116 10.03 -0.50 -2.65
CA LYS A 116 9.22 -1.63 -3.10
C LYS A 116 9.47 -1.95 -4.58
N ASP A 117 9.18 -3.20 -4.92
CA ASP A 117 9.21 -3.68 -6.29
C ASP A 117 7.94 -3.20 -7.03
N SER A 118 7.84 -3.52 -8.30
CA SER A 118 6.69 -3.23 -9.14
C SER A 118 5.38 -3.61 -8.53
N ASN A 119 5.37 -4.73 -7.78
CA ASN A 119 4.16 -5.22 -7.16
C ASN A 119 3.85 -4.63 -5.82
N GLY A 120 4.67 -3.73 -5.31
CA GLY A 120 4.34 -3.13 -4.02
C GLY A 120 4.93 -3.86 -2.84
N GLN A 121 5.72 -4.89 -3.11
CA GLN A 121 6.31 -5.68 -2.06
C GLN A 121 7.57 -5.05 -1.65
N ARG A 122 7.86 -5.00 -0.35
CA ARG A 122 9.17 -4.43 0.08
C ARG A 122 10.33 -5.14 -0.57
N LEU A 123 11.30 -4.34 -0.97
CA LEU A 123 12.52 -4.85 -1.56
C LEU A 123 13.37 -5.49 -0.46
N SER A 124 14.11 -6.51 -0.87
CA SER A 124 15.05 -7.17 -0.01
C SER A 124 16.22 -6.25 0.18
N LYS A 125 17.03 -6.53 1.18
CA LYS A 125 18.25 -5.73 1.37
C LYS A 125 19.11 -5.52 0.12
N ASP A 126 19.46 -6.62 -0.53
CA ASP A 126 20.27 -6.58 -1.75
C ASP A 126 19.61 -5.83 -2.87
N ALA A 127 18.31 -6.00 -3.02
CA ALA A 127 17.62 -5.29 -4.09
C ALA A 127 17.49 -3.75 -3.81
N LEU A 128 17.25 -3.38 -2.54
CA LEU A 128 17.22 -1.97 -2.15
C LEU A 128 18.58 -1.37 -2.35
N LEU A 129 19.63 -2.08 -1.97
CA LEU A 129 20.95 -1.55 -2.12
C LEU A 129 21.28 -1.41 -3.58
N ALA A 130 20.84 -2.35 -4.39
CA ALA A 130 21.14 -2.27 -5.82
C ALA A 130 20.44 -1.05 -6.40
N ARG A 131 19.22 -0.80 -5.95
CA ARG A 131 18.45 0.37 -6.41
C ARG A 131 19.12 1.65 -5.90
N LEU A 132 19.64 1.67 -4.66
CA LEU A 132 20.32 2.88 -4.21
C LEU A 132 21.52 3.19 -5.11
N LYS A 133 22.29 2.13 -5.43
CA LYS A 133 23.50 2.31 -6.21
C LYS A 133 23.15 2.91 -7.58
N GLN A 134 22.12 2.41 -8.25
N GLN A 134 22.11 2.38 -8.23
CA GLN A 134 21.72 2.98 -9.56
CA GLN A 134 21.59 2.87 -9.52
C GLN A 134 21.25 4.41 -9.40
C GLN A 134 21.22 4.36 -9.40
N TYR A 135 20.45 4.68 -8.36
CA TYR A 135 20.01 6.01 -8.11
C TYR A 135 21.18 6.98 -7.98
N ILE A 136 22.11 6.69 -7.08
CA ILE A 136 23.25 7.54 -6.84
C ILE A 136 24.14 7.66 -8.09
N TYR A 137 24.46 6.53 -8.73
CA TYR A 137 25.16 6.62 -10.03
C TYR A 137 24.47 7.56 -11.03
N ASP A 138 23.16 7.45 -11.20
CA ASP A 138 22.40 8.25 -12.19
C ASP A 138 22.31 9.75 -11.80
N VAL A 139 22.05 10.06 -10.51
CA VAL A 139 21.86 11.46 -10.12
C VAL A 139 23.20 12.20 -10.01
N VAL A 140 24.10 11.61 -9.23
CA VAL A 140 25.40 12.18 -9.00
C VAL A 140 26.17 12.19 -10.31
N GLY A 141 26.05 11.11 -11.08
CA GLY A 141 26.68 11.03 -12.39
C GLY A 141 26.19 12.12 -13.33
N ARG A 142 24.91 12.42 -13.32
CA ARG A 142 24.42 13.42 -14.23
C ARG A 142 25.09 14.79 -14.03
N TYR A 143 25.43 15.09 -12.77
CA TYR A 143 25.91 16.39 -12.35
C TYR A 143 27.42 16.38 -12.00
N LYS A 144 28.15 15.36 -12.46
CA LYS A 144 29.52 15.21 -12.22
C LYS A 144 30.28 16.50 -12.55
N GLY A 145 31.06 16.95 -11.61
CA GLY A 145 31.85 18.10 -11.78
C GLY A 145 31.18 19.39 -11.50
N LYS A 146 29.87 19.39 -11.30
CA LYS A 146 29.07 20.63 -11.24
C LYS A 146 28.53 20.97 -9.86
N VAL A 147 28.77 20.08 -8.88
CA VAL A 147 28.18 20.14 -7.54
C VAL A 147 29.29 20.04 -6.59
N TYR A 148 29.58 21.10 -5.88
CA TYR A 148 30.69 21.10 -4.97
C TYR A 148 30.60 20.23 -3.78
N ALA A 149 29.37 20.03 -3.30
CA ALA A 149 29.11 19.24 -2.13
C ALA A 149 27.75 18.58 -2.24
N TRP A 150 27.67 17.32 -1.86
CA TRP A 150 26.42 16.61 -1.69
C TRP A 150 26.19 16.28 -0.20
N ASP A 151 24.91 16.41 0.23
CA ASP A 151 24.36 15.80 1.44
C ASP A 151 23.97 14.41 1.00
N VAL A 152 24.88 13.49 1.22
CA VAL A 152 24.69 12.13 0.74
C VAL A 152 23.64 11.45 1.58
N VAL A 153 23.82 11.53 2.91
CA VAL A 153 22.87 10.86 3.84
C VAL A 153 22.39 11.92 4.80
N ASN A 154 21.05 11.98 5.01
CA ASN A 154 20.41 12.96 5.87
C ASN A 154 19.74 12.26 7.04
N GLU A 155 20.08 12.62 8.29
CA GLU A 155 19.19 12.32 9.43
C GLU A 155 19.02 10.85 9.65
N ALA A 156 20.13 10.15 9.61
CA ALA A 156 20.23 8.68 9.90
C ALA A 156 20.30 8.30 11.40
N ILE A 157 20.47 9.30 12.27
CA ILE A 157 20.67 9.08 13.70
C ILE A 157 19.35 9.39 14.47
N ASP A 158 18.97 8.47 15.36
CA ASP A 158 17.98 8.69 16.41
C ASP A 158 18.59 8.35 17.75
N GLU A 159 18.85 9.39 18.53
CA GLU A 159 19.48 9.30 19.83
C GLU A 159 18.63 8.58 20.88
N ASN A 160 17.35 8.34 20.59
CA ASN A 160 16.51 7.54 21.47
C ASN A 160 16.67 6.06 21.25
N GLN A 161 17.39 5.60 20.22
CA GLN A 161 17.70 4.19 20.07
C GLN A 161 19.04 3.90 20.71
N SER A 162 19.19 2.70 21.23
N SER A 162 19.19 2.70 21.23
CA SER A 162 20.41 2.26 21.89
CA SER A 162 20.42 2.28 21.90
C SER A 162 21.62 2.21 20.96
C SER A 162 21.62 2.22 20.97
N ASP A 163 21.43 1.83 19.70
CA ASP A 163 22.52 1.86 18.70
C ASP A 163 22.61 3.18 17.93
N GLY A 164 21.72 4.11 18.29
CA GLY A 164 21.81 5.49 17.72
C GLY A 164 21.20 5.63 16.32
N TYR A 165 20.67 4.56 15.72
CA TYR A 165 20.14 4.59 14.31
C TYR A 165 18.66 4.78 14.20
N ARG A 166 18.25 5.80 13.41
CA ARG A 166 16.84 5.95 13.05
C ARG A 166 16.27 4.71 12.43
N ARG A 167 15.11 4.26 12.92
CA ARG A 167 14.47 3.08 12.37
C ARG A 167 13.59 3.45 11.20
N SER A 168 14.20 4.04 10.18
CA SER A 168 13.56 4.34 8.90
C SER A 168 13.43 3.07 8.07
N THR A 169 12.72 3.14 6.95
CA THR A 169 12.66 2.03 6.04
C THR A 169 14.08 1.65 5.59
N TRP A 170 14.95 2.62 5.36
CA TRP A 170 16.28 2.35 4.94
C TRP A 170 16.94 1.36 5.93
N TYR A 171 16.83 1.67 7.19
CA TYR A 171 17.48 0.91 8.23
C TYR A 171 16.79 -0.42 8.43
N GLU A 172 15.48 -0.42 8.45
CA GLU A 172 14.73 -1.66 8.60
C GLU A 172 15.09 -2.68 7.54
N ILE A 173 15.23 -2.21 6.31
CA ILE A 173 15.51 -3.12 5.22
C ILE A 173 16.98 -3.45 5.11
N CYS A 174 17.87 -2.48 5.31
CA CYS A 174 19.27 -2.62 4.98
C CYS A 174 20.18 -2.82 6.21
N GLY A 175 19.67 -2.59 7.40
CA GLY A 175 20.61 -2.35 8.53
C GLY A 175 21.46 -1.10 8.25
N PRO A 176 22.47 -0.84 9.08
CA PRO A 176 23.20 0.39 8.92
C PRO A 176 24.14 0.48 7.69
N GLU A 177 24.37 -0.62 6.94
CA GLU A 177 25.28 -0.47 5.87
C GLU A 177 24.83 0.40 4.67
N TYR A 178 23.54 0.80 4.61
CA TYR A 178 23.11 1.75 3.61
C TYR A 178 23.87 3.04 3.68
N ILE A 179 24.33 3.45 4.87
CA ILE A 179 25.01 4.73 5.03
C ILE A 179 26.37 4.72 4.30
N GLU A 180 27.19 3.77 4.70
CA GLU A 180 28.55 3.71 4.15
C GLU A 180 28.56 3.44 2.66
N LYS A 181 27.59 2.64 2.21
N LYS A 181 27.60 2.62 2.21
CA LYS A 181 27.51 2.32 0.79
CA LYS A 181 27.49 2.29 0.80
C LYS A 181 27.10 3.54 -0.01
C LYS A 181 27.09 3.52 -0.01
N ALA A 182 26.19 4.37 0.52
CA ALA A 182 25.82 5.59 -0.17
C ALA A 182 27.03 6.45 -0.44
N PHE A 183 27.94 6.55 0.55
CA PHE A 183 29.12 7.40 0.33
C PHE A 183 30.07 6.78 -0.71
N ILE A 184 30.34 5.48 -0.59
CA ILE A 184 31.13 4.74 -1.58
C ILE A 184 30.67 5.00 -2.99
N TRP A 185 29.39 4.80 -3.21
CA TRP A 185 28.86 4.99 -4.58
C TRP A 185 28.82 6.44 -5.05
N ALA A 186 28.51 7.37 -4.14
CA ALA A 186 28.54 8.73 -4.52
C ALA A 186 29.99 9.12 -4.88
N HIS A 187 30.96 8.64 -4.16
CA HIS A 187 32.36 9.03 -4.46
C HIS A 187 32.82 8.40 -5.81
N GLU A 188 32.34 7.20 -6.09
CA GLU A 188 32.59 6.61 -7.43
C GLU A 188 31.98 7.43 -8.55
N ALA A 189 30.75 7.91 -8.37
CA ALA A 189 30.07 8.65 -9.42
C ALA A 189 30.64 10.03 -9.63
N ASP A 190 31.15 10.66 -8.61
CA ASP A 190 31.81 11.97 -8.80
C ASP A 190 32.89 12.15 -7.77
N PRO A 191 34.11 11.70 -8.11
CA PRO A 191 35.19 11.78 -7.16
C PRO A 191 35.62 13.17 -6.70
N ASN A 192 35.26 14.24 -7.36
N ASN A 192 35.25 14.22 -7.45
CA ASN A 192 35.67 15.58 -6.89
CA ASN A 192 35.47 15.67 -7.12
C ASN A 192 34.57 16.33 -6.07
C ASN A 192 34.66 16.15 -5.93
N ALA A 193 33.38 15.74 -5.91
CA ALA A 193 32.38 16.26 -4.96
C ALA A 193 32.78 16.00 -3.48
N LYS A 194 32.50 16.96 -2.62
CA LYS A 194 32.74 16.75 -1.17
C LYS A 194 31.39 16.20 -0.62
N LEU A 195 31.47 15.09 0.05
CA LEU A 195 30.32 14.33 0.46
C LEU A 195 30.09 14.54 1.97
N PHE A 196 28.85 14.90 2.34
CA PHE A 196 28.44 15.17 3.72
C PHE A 196 27.40 14.29 4.33
N TYR A 197 27.57 14.08 5.63
CA TYR A 197 26.51 13.51 6.48
C TYR A 197 25.84 14.75 7.10
N ASN A 198 24.48 14.87 6.97
CA ASN A 198 23.77 16.04 7.36
C ASN A 198 22.78 15.73 8.44
N ASP A 199 22.66 16.60 9.43
CA ASP A 199 21.73 16.33 10.54
C ASP A 199 21.40 17.55 11.34
N TYR A 200 20.35 17.43 12.12
CA TYR A 200 19.90 18.53 12.96
C TYR A 200 20.07 18.13 14.43
N ASN A 201 19.83 19.11 15.32
CA ASN A 201 19.90 18.90 16.77
C ASN A 201 21.28 18.33 17.16
N THR A 202 22.31 18.87 16.51
CA THR A 202 23.65 18.40 16.73
C THR A 202 24.20 18.85 18.10
N GLU A 203 23.45 19.70 18.83
CA GLU A 203 23.79 20.06 20.22
C GLU A 203 23.12 19.28 21.30
N ILE A 204 22.25 18.36 20.93
N ILE A 204 22.23 18.34 20.98
CA ILE A 204 21.72 17.39 21.83
CA ILE A 204 21.80 17.37 21.95
C ILE A 204 22.86 16.39 22.11
C ILE A 204 23.03 16.48 22.23
N SER A 205 23.14 16.17 23.41
N SER A 205 23.60 16.59 23.43
CA SER A 205 24.37 15.57 23.85
CA SER A 205 24.89 15.95 23.66
C SER A 205 24.60 14.17 23.32
C SER A 205 24.90 14.48 23.18
N LYS A 206 23.66 13.29 23.58
N LYS A 206 23.90 13.67 23.51
CA LYS A 206 23.75 11.96 23.09
CA LYS A 206 23.93 12.28 23.11
C LYS A 206 23.71 11.89 21.53
C LYS A 206 23.91 12.09 21.55
N LYS A 207 23.08 12.87 20.86
CA LYS A 207 23.00 12.84 19.40
C LYS A 207 24.29 13.19 18.74
N ARG A 208 24.93 14.22 19.29
CA ARG A 208 26.27 14.63 18.91
C ARG A 208 27.29 13.43 19.02
N GLU A 209 27.22 12.73 20.14
N GLU A 209 27.21 12.71 20.11
CA GLU A 209 28.08 11.54 20.39
CA GLU A 209 28.10 11.55 20.33
C GLU A 209 27.85 10.47 19.31
C GLU A 209 27.86 10.39 19.35
N PHE A 210 26.60 10.08 19.09
CA PHE A 210 26.29 9.10 18.06
C PHE A 210 26.78 9.53 16.68
N ILE A 211 26.61 10.80 16.32
CA ILE A 211 27.02 11.33 15.05
C ILE A 211 28.56 11.29 14.94
N TYR A 212 29.20 11.79 15.97
CA TYR A 212 30.67 11.70 16.06
C TYR A 212 31.20 10.25 15.91
N ASN A 213 30.70 9.30 16.69
CA ASN A 213 31.19 7.92 16.58
C ASN A 213 30.94 7.28 15.19
N MET A 214 29.78 7.55 14.63
CA MET A 214 29.45 7.01 13.29
C MET A 214 30.43 7.48 12.23
N VAL A 215 30.62 8.78 12.15
CA VAL A 215 31.47 9.36 11.15
C VAL A 215 32.94 9.01 11.39
N LYS A 216 33.39 9.01 12.66
CA LYS A 216 34.77 8.58 12.98
C LYS A 216 35.01 7.15 12.49
N ASN A 217 34.08 6.22 12.80
CA ASN A 217 34.17 4.84 12.39
C ASN A 217 34.14 4.66 10.87
N LEU A 218 33.27 5.38 10.16
CA LEU A 218 33.27 5.40 8.68
C LEU A 218 34.62 5.84 8.15
N LYS A 219 35.11 6.94 8.70
CA LYS A 219 36.37 7.48 8.25
C LYS A 219 37.54 6.50 8.52
N SER A 220 37.52 5.89 9.71
N SER A 220 37.55 5.88 9.69
CA SER A 220 38.59 4.97 10.11
CA SER A 220 38.66 4.99 10.06
C SER A 220 38.72 3.88 9.07
C SER A 220 38.55 3.62 9.39
N LYS A 221 37.58 3.44 8.48
CA LYS A 221 37.56 2.33 7.54
C LYS A 221 37.73 2.79 6.11
N GLY A 222 37.97 4.07 5.85
CA GLY A 222 38.22 4.51 4.50
C GLY A 222 36.94 4.81 3.70
N ILE A 223 35.79 5.01 4.39
CA ILE A 223 34.59 5.40 3.67
C ILE A 223 34.85 6.81 3.21
N PRO A 224 34.53 7.13 1.97
CA PRO A 224 34.79 8.50 1.53
C PRO A 224 33.73 9.57 1.97
N ILE A 225 33.69 9.83 3.27
CA ILE A 225 32.98 10.98 3.81
C ILE A 225 33.96 12.09 4.07
N HIS A 226 33.65 13.30 3.56
CA HIS A 226 34.52 14.41 3.72
C HIS A 226 34.00 15.47 4.66
N GLY A 227 32.81 15.29 5.28
CA GLY A 227 32.22 16.47 5.91
C GLY A 227 31.01 16.09 6.76
N ILE A 228 30.78 16.93 7.75
CA ILE A 228 29.55 16.91 8.53
C ILE A 228 28.84 18.19 8.25
N GLY A 229 27.55 18.04 7.90
CA GLY A 229 26.60 19.15 7.72
C GLY A 229 25.81 19.33 9.02
N MET A 230 25.96 20.49 9.66
CA MET A 230 25.13 20.85 10.82
C MET A 230 24.04 21.72 10.31
N GLN A 231 22.80 21.16 10.23
CA GLN A 231 21.64 21.95 9.79
C GLN A 231 21.49 23.27 10.53
N CYS A 232 21.57 23.27 11.86
CA CYS A 232 21.36 24.48 12.67
C CYS A 232 19.99 25.15 12.50
N HIS A 233 18.92 24.35 12.65
CA HIS A 233 17.60 24.89 12.85
C HIS A 233 17.52 25.17 14.33
N ILE A 234 17.81 26.42 14.65
CA ILE A 234 17.95 26.75 16.04
C ILE A 234 16.90 27.82 16.39
N ASN A 235 16.93 28.34 17.62
CA ASN A 235 16.01 29.43 18.05
C ASN A 235 16.81 30.45 18.91
N VAL A 236 16.22 31.60 19.22
N VAL A 236 16.19 31.59 19.23
CA VAL A 236 16.98 32.63 19.96
CA VAL A 236 16.87 32.64 20.01
C VAL A 236 17.45 32.20 21.37
C VAL A 236 17.44 32.18 21.34
N ASN A 237 16.84 31.16 21.93
CA ASN A 237 17.18 30.73 23.28
C ASN A 237 17.92 29.42 23.44
N TRP A 238 18.03 28.63 22.36
CA TRP A 238 18.69 27.35 22.47
C TRP A 238 19.14 26.92 21.05
N PRO A 239 20.32 26.29 20.93
CA PRO A 239 21.35 26.05 21.89
C PRO A 239 22.24 27.25 22.00
N SER A 240 23.13 27.23 22.97
CA SER A 240 24.05 28.35 23.10
C SER A 240 25.09 28.31 22.00
N VAL A 241 25.66 29.45 21.72
CA VAL A 241 26.79 29.55 20.80
C VAL A 241 27.95 28.61 21.20
N SER A 242 28.23 28.54 22.49
CA SER A 242 29.30 27.71 22.92
C SER A 242 28.99 26.20 22.70
N GLU A 243 27.71 25.81 22.82
N GLU A 243 27.73 25.78 22.81
CA GLU A 243 27.27 24.44 22.49
CA GLU A 243 27.42 24.36 22.48
C GLU A 243 27.52 24.12 20.98
C GLU A 243 27.54 24.09 20.95
N ILE A 244 27.15 25.05 20.11
CA ILE A 244 27.37 24.95 18.69
C ILE A 244 28.93 24.82 18.45
N GLU A 245 29.71 25.65 19.14
CA GLU A 245 31.18 25.57 19.03
C GLU A 245 31.73 24.21 19.45
N ASN A 246 31.25 23.68 20.56
CA ASN A 246 31.61 22.33 20.92
C ASN A 246 31.37 21.26 19.85
N SER A 247 30.22 21.33 19.15
CA SER A 247 29.97 20.43 18.04
C SER A 247 31.06 20.59 16.95
N ILE A 248 31.32 21.81 16.56
CA ILE A 248 32.28 22.09 15.53
C ILE A 248 33.62 21.51 15.91
N LYS A 249 34.05 21.74 17.16
CA LYS A 249 35.36 21.25 17.65
C LYS A 249 35.39 19.77 17.63
N LEU A 250 34.33 19.11 18.12
CA LEU A 250 34.36 17.69 18.22
C LEU A 250 34.31 17.08 16.82
N PHE A 251 33.32 17.48 15.99
CA PHE A 251 33.21 16.93 14.69
C PHE A 251 34.52 17.13 13.88
N SER A 252 35.05 18.34 13.82
CA SER A 252 36.25 18.65 12.97
C SER A 252 37.57 18.10 13.55
N SER A 253 37.50 17.52 14.75
CA SER A 253 38.56 16.71 15.33
C SER A 253 38.81 15.40 14.64
N ILE A 254 37.86 14.94 13.82
CA ILE A 254 38.06 13.72 13.03
C ILE A 254 38.84 14.19 11.81
N PRO A 255 40.02 13.60 11.58
CA PRO A 255 40.80 14.07 10.43
C PRO A 255 40.08 13.91 9.08
N GLY A 256 40.11 14.92 8.27
CA GLY A 256 39.49 14.90 6.97
C GLY A 256 38.01 15.29 6.95
N ILE A 257 37.51 15.75 8.10
CA ILE A 257 36.07 16.10 8.21
C ILE A 257 35.98 17.64 8.25
N GLU A 258 35.49 18.27 7.17
N GLU A 258 35.46 18.23 7.19
CA GLU A 258 35.15 19.70 7.21
CA GLU A 258 35.14 19.64 7.13
C GLU A 258 33.68 19.87 7.67
C GLU A 258 33.70 19.86 7.71
N ILE A 259 33.29 21.12 7.91
CA ILE A 259 31.96 21.48 8.38
C ILE A 259 31.28 22.34 7.40
N HIS A 260 30.04 21.97 7.01
CA HIS A 260 29.16 22.92 6.37
C HIS A 260 28.02 23.17 7.38
N ILE A 261 27.61 24.44 7.50
CA ILE A 261 26.43 24.86 8.25
C ILE A 261 25.41 24.93 7.12
N THR A 262 24.43 24.01 7.12
CA THR A 262 23.66 23.78 5.91
C THR A 262 22.30 24.38 5.77
N GLU A 263 21.61 24.64 6.88
CA GLU A 263 20.18 24.98 6.85
C GLU A 263 19.89 25.99 7.98
N LEU A 264 20.80 26.93 8.15
CA LEU A 264 20.75 27.85 9.28
C LEU A 264 19.46 28.66 9.28
N ASP A 265 18.83 28.67 10.45
CA ASP A 265 17.76 29.61 10.70
C ASP A 265 17.50 29.72 12.16
N MET A 266 16.82 30.80 12.60
CA MET A 266 16.68 31.03 13.99
C MET A 266 15.29 31.54 14.35
N SER A 267 14.45 30.62 14.84
CA SER A 267 13.09 30.94 15.26
C SER A 267 13.05 31.93 16.41
N LEU A 268 12.03 32.79 16.44
CA LEU A 268 11.79 33.64 17.61
C LEU A 268 11.08 32.96 18.74
N TYR A 269 10.63 31.72 18.55
CA TYR A 269 9.95 30.96 19.59
C TYR A 269 10.83 29.97 20.29
N ASN A 270 10.55 29.70 21.54
CA ASN A 270 11.04 28.48 22.18
C ASN A 270 10.24 27.29 21.63
N TYR A 271 10.84 26.12 21.61
CA TYR A 271 10.12 24.93 21.19
C TYR A 271 8.95 24.60 22.13
N GLY A 272 7.78 24.28 21.56
CA GLY A 272 6.61 23.90 22.38
C GLY A 272 5.92 25.04 23.06
N SER A 273 6.26 26.27 22.66
CA SER A 273 5.69 27.47 23.29
C SER A 273 4.33 27.82 22.82
N SER A 274 3.48 28.27 23.74
CA SER A 274 2.20 28.86 23.40
C SER A 274 2.31 30.28 22.81
N GLU A 275 3.49 30.87 22.74
CA GLU A 275 3.59 32.21 22.18
C GLU A 275 3.22 32.17 20.70
N ASN A 276 2.71 33.29 20.21
CA ASN A 276 2.21 33.37 18.83
C ASN A 276 2.23 34.87 18.47
N TYR A 277 3.10 35.24 17.55
CA TYR A 277 3.22 36.62 17.15
C TYR A 277 2.70 36.88 15.75
N SER A 278 2.12 38.07 15.54
CA SER A 278 1.75 38.52 14.22
C SER A 278 2.78 39.57 13.68
N THR A 279 3.52 40.23 14.55
CA THR A 279 4.71 40.96 14.14
C THR A 279 5.80 40.61 15.16
N PRO A 280 7.06 40.66 14.71
CA PRO A 280 8.18 40.31 15.53
C PRO A 280 8.46 41.34 16.61
N PRO A 281 8.44 40.91 17.88
CA PRO A 281 8.82 41.81 18.91
C PRO A 281 10.24 42.33 18.70
N GLN A 282 10.41 43.64 18.88
CA GLN A 282 11.68 44.30 18.60
C GLN A 282 12.82 43.75 19.45
N ASP A 283 12.52 43.39 20.69
CA ASP A 283 13.48 42.82 21.59
C ASP A 283 13.98 41.45 21.16
N LEU A 284 13.10 40.62 20.64
CA LEU A 284 13.54 39.34 20.08
C LEU A 284 14.34 39.53 18.82
N LEU A 285 13.96 40.47 17.98
CA LEU A 285 14.76 40.79 16.77
C LEU A 285 16.14 41.20 17.14
N GLN A 286 16.26 41.96 18.26
N GLN A 286 16.28 41.91 18.27
CA GLN A 286 17.58 42.32 18.80
CA GLN A 286 17.60 42.27 18.72
C GLN A 286 18.35 41.12 19.32
C GLN A 286 18.39 41.12 19.35
N LYS A 287 17.71 40.27 20.10
CA LYS A 287 18.37 39.07 20.65
C LYS A 287 18.84 38.12 19.51
N GLN A 288 18.05 38.06 18.49
CA GLN A 288 18.36 37.32 17.27
C GLN A 288 19.61 37.90 16.60
N ALA A 289 19.66 39.22 16.46
CA ALA A 289 20.82 39.87 15.85
C ALA A 289 22.10 39.55 16.65
N GLN A 290 22.02 39.71 17.97
N GLN A 290 22.05 39.70 17.97
CA GLN A 290 23.18 39.52 18.81
CA GLN A 290 23.26 39.53 18.79
C GLN A 290 23.65 38.07 18.69
C GLN A 290 23.65 38.03 18.93
N LYS A 291 22.70 37.12 18.74
CA LYS A 291 23.05 35.71 18.66
C LYS A 291 23.65 35.38 17.30
N TYR A 292 23.05 35.86 16.20
CA TYR A 292 23.61 35.62 14.89
C TYR A 292 25.06 36.15 14.80
N LYS A 293 25.23 37.38 15.30
CA LYS A 293 26.58 37.96 15.36
C LYS A 293 27.57 37.07 16.10
N GLU A 294 27.21 36.63 17.29
CA GLU A 294 28.12 35.78 18.07
C GLU A 294 28.47 34.46 17.36
N ILE A 295 27.45 33.94 16.68
CA ILE A 295 27.62 32.67 15.97
C ILE A 295 28.65 32.92 14.88
N PHE A 296 28.46 33.99 14.13
CA PHE A 296 29.30 34.20 12.98
C PHE A 296 30.75 34.61 13.36
N THR A 297 30.91 35.24 14.51
CA THR A 297 32.24 35.56 15.06
C THR A 297 32.90 34.29 15.41
N MET A 298 32.15 33.38 16.02
CA MET A 298 32.63 32.04 16.31
C MET A 298 32.99 31.26 15.03
N LEU A 299 32.10 31.28 14.05
CA LEU A 299 32.38 30.54 12.84
C LEU A 299 33.68 31.00 12.15
N LYS A 300 33.91 32.30 12.12
CA LYS A 300 35.14 32.90 11.54
C LYS A 300 36.37 32.36 12.17
N LYS A 301 36.29 32.17 13.50
CA LYS A 301 37.34 31.59 14.27
C LYS A 301 37.73 30.21 13.74
N TYR A 302 36.75 29.49 13.19
CA TYR A 302 36.93 28.10 12.77
C TYR A 302 36.80 27.95 11.26
N LYS A 303 37.08 29.03 10.53
CA LYS A 303 37.05 29.01 9.07
C LYS A 303 38.02 28.05 8.40
N ASN A 304 39.02 27.64 9.15
CA ASN A 304 39.88 26.58 8.69
C ASN A 304 39.10 25.27 8.52
N VAL A 305 38.03 25.03 9.28
CA VAL A 305 37.22 23.84 9.06
C VAL A 305 35.77 24.11 8.61
N VAL A 306 35.24 25.26 8.96
CA VAL A 306 33.96 25.67 8.48
C VAL A 306 34.09 26.34 7.15
N LYS A 307 33.65 25.65 6.09
CA LYS A 307 33.86 26.10 4.68
C LYS A 307 32.69 26.75 3.93
N SER A 308 31.46 26.52 4.42
CA SER A 308 30.27 26.96 3.72
C SER A 308 29.15 27.06 4.78
N VAL A 309 28.41 28.15 4.74
CA VAL A 309 27.31 28.42 5.67
C VAL A 309 26.16 28.83 4.83
N THR A 310 25.09 28.03 4.85
CA THR A 310 23.84 28.31 4.10
C THR A 310 22.64 28.56 5.01
N PHE A 311 21.86 29.58 4.68
CA PHE A 311 20.60 29.94 5.36
C PHE A 311 19.50 29.23 4.64
N TRP A 312 18.60 28.71 5.43
CA TRP A 312 17.47 27.94 4.88
C TRP A 312 16.31 28.81 4.55
N GLY A 313 16.52 29.65 3.55
CA GLY A 313 15.49 30.60 3.05
C GLY A 313 16.07 31.95 2.69
N LEU A 314 15.45 32.59 1.72
CA LEU A 314 15.94 33.91 1.23
C LEU A 314 15.53 35.03 2.20
N LYS A 315 14.31 34.95 2.66
CA LYS A 315 13.74 35.95 3.53
C LYS A 315 12.58 35.35 4.32
N ASP A 316 12.16 36.05 5.35
CA ASP A 316 11.35 35.48 6.44
C ASP A 316 10.05 34.82 6.04
N ASP A 317 9.34 35.41 5.10
CA ASP A 317 8.09 34.80 4.61
C ASP A 317 8.25 33.55 3.76
N TYR A 318 9.45 33.31 3.25
CA TYR A 318 9.74 32.09 2.56
C TYR A 318 10.11 30.94 3.53
N SER A 319 10.28 31.21 4.83
CA SER A 319 10.79 30.18 5.76
C SER A 319 9.84 29.03 5.84
N TRP A 320 10.39 27.83 5.75
CA TRP A 320 9.64 26.62 5.98
C TRP A 320 8.92 26.51 7.33
N LEU A 321 9.45 27.20 8.32
CA LEU A 321 8.86 27.19 9.63
C LEU A 321 7.43 27.61 9.73
N ARG A 322 6.98 28.56 8.88
CA ARG A 322 5.64 29.10 8.97
C ARG A 322 4.62 28.02 8.68
N SER A 323 4.85 27.24 7.63
N SER A 323 4.85 27.24 7.62
CA SER A 323 3.92 26.20 7.24
CA SER A 323 3.90 26.19 7.23
C SER A 323 4.07 24.94 8.11
C SER A 323 4.07 24.94 8.12
N PHE A 324 5.26 24.70 8.63
CA PHE A 324 5.48 23.48 9.39
C PHE A 324 4.82 23.54 10.73
N TYR A 325 4.99 24.62 11.47
CA TYR A 325 4.45 24.78 12.77
C TYR A 325 3.26 25.68 12.80
N GLY A 326 2.93 26.31 11.69
CA GLY A 326 1.61 26.96 11.59
C GLY A 326 1.51 28.28 12.32
N LYS A 327 2.63 28.94 12.53
CA LYS A 327 2.52 30.28 13.01
C LYS A 327 3.58 31.17 12.40
N ASN A 328 3.30 32.48 12.35
CA ASN A 328 4.23 33.37 11.66
C ASN A 328 5.55 33.38 12.41
N ASP A 329 6.65 33.56 11.69
CA ASP A 329 7.98 33.55 12.31
C ASP A 329 8.93 34.36 11.44
N TRP A 330 10.06 34.77 12.02
CA TRP A 330 11.01 35.74 11.40
C TRP A 330 12.42 35.26 11.60
N PRO A 331 12.80 34.17 10.88
CA PRO A 331 14.03 33.39 11.25
C PRO A 331 15.33 33.73 10.56
N LEU A 332 15.32 34.65 9.61
CA LEU A 332 16.39 34.79 8.65
C LEU A 332 16.94 36.24 8.76
N LEU A 333 17.61 36.72 7.70
CA LEU A 333 18.30 38.05 7.75
C LEU A 333 17.58 39.15 6.99
N PHE A 334 16.57 38.79 6.24
CA PHE A 334 15.78 39.73 5.45
C PHE A 334 14.31 39.53 5.76
N PHE A 335 13.61 40.65 5.80
CA PHE A 335 12.19 40.69 6.06
C PHE A 335 11.42 40.37 4.78
N GLU A 336 10.11 40.22 4.90
CA GLU A 336 9.17 39.90 3.82
C GLU A 336 9.23 40.87 2.64
N ASP A 337 9.55 42.11 2.94
CA ASP A 337 9.75 43.12 1.93
C ASP A 337 11.18 43.19 1.40
N TYR A 338 12.00 42.18 1.64
CA TYR A 338 13.41 42.17 1.26
C TYR A 338 14.36 43.11 2.02
N SER A 339 13.85 43.85 3.00
CA SER A 339 14.71 44.77 3.71
C SER A 339 15.58 44.03 4.71
N ALA A 340 16.78 44.53 4.91
CA ALA A 340 17.71 43.99 5.87
C ALA A 340 17.27 44.16 7.30
N LYS A 341 17.32 43.07 8.07
CA LYS A 341 16.89 43.05 9.44
C LYS A 341 18.07 43.46 10.34
N PRO A 342 17.79 43.74 11.60
CA PRO A 342 18.89 43.88 12.58
C PRO A 342 19.97 42.78 12.53
N ALA A 343 19.53 41.55 12.26
CA ALA A 343 20.44 40.42 12.11
C ALA A 343 21.41 40.63 10.99
N TYR A 344 20.91 41.10 9.85
CA TYR A 344 21.80 41.36 8.70
C TYR A 344 22.96 42.29 9.15
N TRP A 345 22.62 43.43 9.74
CA TRP A 345 23.66 44.37 10.19
C TRP A 345 24.60 43.78 11.21
N ALA A 346 24.13 42.95 12.11
CA ALA A 346 25.01 42.33 13.08
C ALA A 346 25.97 41.31 12.43
N VAL A 347 25.46 40.61 11.41
CA VAL A 347 26.23 39.56 10.81
C VAL A 347 27.36 40.16 9.97
N ILE A 348 27.05 41.22 9.21
CA ILE A 348 28.15 41.84 8.41
C ILE A 348 29.27 42.45 9.24
N GLU A 349 29.08 42.77 10.51
N GLU A 349 29.02 42.74 10.51
CA GLU A 349 30.19 43.27 11.34
CA GLU A 349 30.00 43.32 11.44
C GLU A 349 30.85 42.22 12.23
C GLU A 349 30.58 42.27 12.43
N ALA A 350 30.36 40.98 12.17
CA ALA A 350 30.81 39.92 13.07
C ALA A 350 32.31 39.65 12.89
N LYS B 14 1.88 16.30 -30.03
CA LYS B 14 0.96 17.34 -29.44
C LYS B 14 -0.25 17.49 -30.38
N ALA B 15 -1.30 16.72 -30.12
CA ALA B 15 -2.36 16.43 -31.11
C ALA B 15 -3.83 16.39 -30.58
N PRO B 16 -4.36 17.52 -30.09
CA PRO B 16 -5.79 17.55 -29.64
C PRO B 16 -6.79 17.72 -30.80
N ASP B 17 -7.78 16.85 -30.93
CA ASP B 17 -8.75 16.98 -32.01
C ASP B 17 -9.99 17.77 -31.60
N TRP B 18 -9.94 19.06 -31.95
CA TRP B 18 -10.99 19.99 -31.63
C TRP B 18 -12.31 19.72 -32.35
N SER B 19 -12.37 18.74 -33.26
CA SER B 19 -13.57 18.50 -34.05
C SER B 19 -14.44 17.40 -33.55
N ILE B 20 -13.95 16.56 -32.63
CA ILE B 20 -14.67 15.37 -32.21
C ILE B 20 -15.78 15.80 -31.21
N PRO B 21 -16.73 14.93 -30.91
CA PRO B 21 -17.84 15.25 -29.98
C PRO B 21 -17.43 15.61 -28.56
N SER B 22 -18.04 16.67 -28.00
CA SER B 22 -17.86 17.06 -26.60
C SER B 22 -18.40 16.01 -25.69
N LEU B 23 -17.58 15.54 -24.72
CA LEU B 23 -18.07 14.49 -23.80
C LEU B 23 -19.37 14.94 -23.04
N CYS B 24 -19.32 16.12 -22.49
CA CYS B 24 -20.43 16.65 -21.68
C CYS B 24 -21.66 16.89 -22.55
N GLU B 25 -21.46 17.40 -23.77
CA GLU B 25 -22.59 17.62 -24.70
C GLU B 25 -23.24 16.33 -25.09
N SER B 26 -22.45 15.33 -25.42
CA SER B 26 -22.98 13.97 -25.61
C SER B 26 -23.78 13.41 -24.46
N TYR B 27 -23.37 13.77 -23.23
CA TYR B 27 -24.05 13.35 -22.01
C TYR B 27 -25.04 14.40 -21.44
N LYS B 28 -25.29 15.49 -22.18
CA LYS B 28 -26.32 16.56 -21.88
C LYS B 28 -27.64 16.16 -21.19
N ASP B 29 -28.20 15.04 -21.56
CA ASP B 29 -29.43 14.54 -20.98
C ASP B 29 -29.19 13.34 -20.15
N ASP B 30 -27.94 13.14 -19.69
CA ASP B 30 -27.65 12.08 -18.75
C ASP B 30 -27.19 12.61 -17.38
N PHE B 31 -26.09 13.38 -17.38
CA PHE B 31 -25.47 13.87 -16.14
C PHE B 31 -24.28 14.74 -16.47
N ILE B 32 -23.87 15.49 -15.48
CA ILE B 32 -22.71 16.33 -15.58
C ILE B 32 -21.49 15.40 -15.86
N ILE B 33 -20.56 15.94 -16.64
CA ILE B 33 -19.28 15.22 -16.85
C ILE B 33 -18.18 16.14 -16.45
N GLY B 34 -17.45 15.73 -15.42
CA GLY B 34 -16.47 16.61 -14.86
C GLY B 34 -15.01 16.16 -15.01
N VAL B 35 -14.09 17.07 -14.70
CA VAL B 35 -12.68 16.72 -14.66
C VAL B 35 -11.92 17.34 -13.47
N ALA B 36 -11.03 16.56 -12.88
CA ALA B 36 -10.11 17.11 -11.85
C ALA B 36 -8.89 17.69 -12.50
N ILE B 37 -8.57 18.93 -12.23
CA ILE B 37 -7.34 19.54 -12.76
C ILE B 37 -6.56 20.30 -11.73
N PRO B 38 -5.22 20.37 -11.90
CA PRO B 38 -4.40 21.30 -11.16
C PRO B 38 -4.49 22.75 -11.66
N ALA B 39 -3.95 23.66 -10.88
CA ALA B 39 -4.09 25.10 -11.16
C ALA B 39 -3.50 25.47 -12.54
N ARG B 40 -2.39 24.86 -12.90
CA ARG B 40 -1.71 25.21 -14.16
C ARG B 40 -2.61 25.06 -15.36
N CYS B 41 -3.54 24.09 -15.35
CA CYS B 41 -4.45 23.94 -16.47
C CYS B 41 -5.36 25.16 -16.73
N LEU B 42 -5.68 25.94 -15.68
CA LEU B 42 -6.64 27.04 -15.83
C LEU B 42 -6.09 28.11 -16.77
N SER B 43 -4.77 28.30 -16.72
CA SER B 43 -4.03 29.29 -17.49
C SER B 43 -3.43 28.75 -18.83
N ASN B 44 -3.07 27.45 -18.88
CA ASN B 44 -2.60 26.82 -20.14
C ASN B 44 -3.69 26.81 -21.19
N ASP B 45 -3.40 27.43 -22.34
CA ASP B 45 -4.37 27.63 -23.43
C ASP B 45 -4.98 26.34 -23.92
N THR B 46 -4.10 25.38 -24.19
CA THR B 46 -4.57 24.06 -24.67
C THR B 46 -5.42 23.31 -23.61
N ASP B 47 -4.96 23.27 -22.38
CA ASP B 47 -5.67 22.54 -21.35
C ASP B 47 -7.01 23.19 -21.11
N LYS B 48 -7.04 24.52 -21.04
CA LYS B 48 -8.27 25.27 -20.81
C LYS B 48 -9.31 24.99 -21.91
N ARG B 49 -8.83 25.03 -23.15
CA ARG B 49 -9.74 24.82 -24.25
C ARG B 49 -10.30 23.42 -24.22
N MET B 50 -9.43 22.46 -23.88
N MET B 50 -9.46 22.47 -23.86
CA MET B 50 -9.82 21.04 -23.69
CA MET B 50 -9.89 21.08 -23.74
C MET B 50 -10.89 20.84 -22.62
C MET B 50 -10.89 20.83 -22.60
N VAL B 51 -10.65 21.47 -21.45
CA VAL B 51 -11.59 21.40 -20.28
C VAL B 51 -12.95 21.94 -20.77
N LEU B 52 -12.93 23.14 -21.33
CA LEU B 52 -14.24 23.76 -21.70
C LEU B 52 -14.97 23.01 -22.84
N LYS B 53 -14.25 22.29 -23.68
CA LYS B 53 -14.95 21.54 -24.73
C LYS B 53 -15.61 20.35 -24.17
N HIS B 54 -14.91 19.58 -23.35
CA HIS B 54 -15.42 18.29 -22.92
C HIS B 54 -16.17 18.27 -21.60
N PHE B 55 -16.02 19.27 -20.78
CA PHE B 55 -16.50 19.14 -19.40
C PHE B 55 -17.31 20.34 -18.94
N ASN B 56 -18.28 20.06 -18.13
CA ASN B 56 -19.14 21.09 -17.61
C ASN B 56 -19.08 21.07 -16.06
N SER B 57 -18.04 20.41 -15.49
CA SER B 57 -17.72 20.55 -14.05
C SER B 57 -16.21 20.35 -13.90
N ILE B 58 -15.61 21.09 -12.98
CA ILE B 58 -14.26 20.84 -12.59
C ILE B 58 -14.14 20.58 -11.06
N THR B 59 -13.05 19.90 -10.68
CA THR B 59 -12.68 19.75 -9.28
C THR B 59 -11.19 20.13 -9.16
N ALA B 60 -10.82 20.85 -8.14
CA ALA B 60 -9.43 21.24 -7.95
C ALA B 60 -8.70 19.94 -7.43
N GLU B 61 -7.69 19.54 -8.14
CA GLU B 61 -7.00 18.33 -7.82
C GLU B 61 -6.48 18.34 -6.37
N ASN B 62 -5.90 19.44 -5.98
CA ASN B 62 -5.30 19.63 -4.64
C ASN B 62 -5.58 20.95 -3.97
N GLU B 63 -5.93 21.97 -4.76
CA GLU B 63 -5.87 23.33 -4.36
C GLU B 63 -7.01 23.84 -3.48
N MET B 64 -8.02 23.02 -3.24
CA MET B 64 -9.08 23.35 -2.27
C MET B 64 -9.08 22.44 -1.03
N LYS B 65 -7.96 21.73 -0.86
CA LYS B 65 -7.75 20.88 0.34
C LYS B 65 -7.20 21.74 1.45
N PRO B 66 -7.39 21.31 2.71
CA PRO B 66 -6.97 22.12 3.82
C PRO B 66 -5.50 22.59 3.77
N GLU B 67 -4.59 21.71 3.38
CA GLU B 67 -3.14 22.11 3.31
C GLU B 67 -2.89 23.24 2.31
N SER B 68 -3.77 23.35 1.31
CA SER B 68 -3.73 24.41 0.31
C SER B 68 -4.34 25.73 0.75
N LEU B 69 -5.40 25.66 1.53
CA LEU B 69 -6.10 26.91 1.95
C LEU B 69 -5.56 27.50 3.28
N LEU B 70 -5.00 26.66 4.13
CA LEU B 70 -4.49 27.14 5.48
C LEU B 70 -3.15 27.82 5.42
N ALA B 71 -3.02 29.01 6.02
CA ALA B 71 -1.73 29.63 6.13
C ALA B 71 -1.14 29.48 7.53
N GLY B 72 -1.98 29.49 8.55
CA GLY B 72 -1.46 29.44 9.88
C GLY B 72 -2.54 29.76 10.88
N GLN B 73 -2.10 29.98 12.11
CA GLN B 73 -2.94 30.28 13.25
C GLN B 73 -2.37 31.40 14.04
N THR B 74 -3.27 32.17 14.64
CA THR B 74 -2.90 33.15 15.66
C THR B 74 -3.28 32.49 17.00
N SER B 75 -3.25 33.25 18.11
CA SER B 75 -3.65 32.61 19.37
C SER B 75 -5.11 32.14 19.39
N THR B 76 -5.98 32.78 18.61
CA THR B 76 -7.39 32.55 18.64
C THR B 76 -8.06 32.21 17.30
N GLY B 77 -7.35 32.27 16.17
CA GLY B 77 -7.99 32.01 14.89
C GLY B 77 -7.05 31.44 13.82
N LEU B 78 -7.57 31.29 12.62
CA LEU B 78 -6.88 30.75 11.45
C LEU B 78 -6.66 31.86 10.47
N SER B 79 -5.61 31.74 9.65
CA SER B 79 -5.47 32.54 8.46
C SER B 79 -5.32 31.63 7.28
N TYR B 80 -5.70 32.19 6.14
CA TYR B 80 -5.84 31.47 4.94
C TYR B 80 -5.07 32.05 3.72
N ARG B 81 -4.92 31.22 2.69
N ARG B 81 -4.96 31.22 2.69
CA ARG B 81 -4.47 31.67 1.38
CA ARG B 81 -4.41 31.58 1.37
C ARG B 81 -5.53 31.23 0.41
C ARG B 81 -5.46 31.21 0.35
N PHE B 82 -6.17 32.21 -0.21
CA PHE B 82 -7.34 31.94 -1.07
C PHE B 82 -7.16 32.21 -2.54
N SER B 83 -6.04 32.77 -2.96
CA SER B 83 -6.00 33.31 -4.31
C SER B 83 -6.09 32.26 -5.36
N THR B 84 -5.43 31.13 -5.15
CA THR B 84 -5.51 30.07 -6.14
C THR B 84 -6.91 29.47 -6.17
N ALA B 85 -7.45 29.13 -5.00
CA ALA B 85 -8.84 28.63 -4.88
C ALA B 85 -9.87 29.58 -5.57
N ASP B 86 -9.69 30.87 -5.35
CA ASP B 86 -10.55 31.90 -5.97
C ASP B 86 -10.50 31.77 -7.49
N ALA B 87 -9.30 31.54 -8.01
CA ALA B 87 -9.12 31.37 -9.45
C ALA B 87 -9.89 30.20 -9.98
N PHE B 88 -9.89 29.06 -9.25
CA PHE B 88 -10.76 27.95 -9.62
C PHE B 88 -12.25 28.31 -9.66
N VAL B 89 -12.74 28.88 -8.57
CA VAL B 89 -14.18 29.12 -8.47
C VAL B 89 -14.59 30.21 -9.50
N ASP B 90 -13.74 31.23 -9.66
CA ASP B 90 -13.95 32.26 -10.70
C ASP B 90 -13.93 31.72 -12.14
N PHE B 91 -13.03 30.77 -12.42
CA PHE B 91 -13.05 30.03 -13.72
C PHE B 91 -14.36 29.33 -13.96
N ALA B 92 -14.91 28.68 -12.95
CA ALA B 92 -16.13 27.96 -13.15
C ALA B 92 -17.33 28.94 -13.33
N SER B 93 -17.30 30.05 -12.59
CA SER B 93 -18.35 31.08 -12.65
C SER B 93 -18.33 31.72 -14.06
N THR B 94 -17.19 32.29 -14.42
CA THR B 94 -17.00 32.90 -15.70
C THR B 94 -17.45 32.03 -16.86
N ASN B 95 -16.95 30.78 -16.92
CA ASN B 95 -17.31 29.82 -17.99
C ASN B 95 -18.57 29.06 -17.84
N LYS B 96 -19.37 29.36 -16.82
CA LYS B 96 -20.70 28.72 -16.60
C LYS B 96 -20.61 27.21 -16.50
N ILE B 97 -19.62 26.72 -15.73
CA ILE B 97 -19.57 25.31 -15.45
C ILE B 97 -19.56 25.13 -13.93
N GLY B 98 -19.89 23.96 -13.47
CA GLY B 98 -19.81 23.68 -12.02
C GLY B 98 -18.36 23.51 -11.46
N ILE B 99 -18.23 23.69 -10.15
CA ILE B 99 -17.01 23.29 -9.44
C ILE B 99 -17.43 22.50 -8.25
N ARG B 100 -16.88 21.28 -8.12
CA ARG B 100 -17.08 20.46 -6.93
C ARG B 100 -16.00 20.88 -5.97
N GLY B 101 -16.41 21.21 -4.74
CA GLY B 101 -15.51 21.64 -3.68
C GLY B 101 -14.96 20.37 -3.05
N HIS B 102 -13.64 20.27 -3.02
CA HIS B 102 -12.91 19.05 -2.61
C HIS B 102 -11.69 19.45 -1.76
N THR B 103 -11.60 19.24 -0.47
CA THR B 103 -12.55 18.56 0.41
C THR B 103 -12.34 19.24 1.81
N LEU B 104 -13.40 19.31 2.62
CA LEU B 104 -13.35 20.08 3.85
C LEU B 104 -12.65 19.35 5.02
N VAL B 105 -12.86 18.04 5.10
CA VAL B 105 -12.45 17.19 6.17
C VAL B 105 -11.87 15.90 5.60
N TRP B 106 -10.60 15.72 5.89
CA TRP B 106 -9.87 14.50 5.45
C TRP B 106 -8.62 14.29 6.32
N HIS B 107 -8.31 13.02 6.58
CA HIS B 107 -7.10 12.68 7.31
C HIS B 107 -5.84 12.97 6.49
N ASN B 108 -5.95 13.15 5.16
CA ASN B 108 -4.77 13.44 4.35
C ASN B 108 -4.80 14.90 3.94
N GLN B 109 -3.65 15.37 3.55
CA GLN B 109 -3.50 16.73 2.99
C GLN B 109 -4.12 17.81 3.87
N THR B 110 -3.98 17.61 5.18
CA THR B 110 -4.33 18.57 6.20
C THR B 110 -3.07 18.73 7.09
N PRO B 111 -2.62 19.98 7.30
CA PRO B 111 -1.43 20.12 8.09
C PRO B 111 -1.47 19.51 9.48
N ASP B 112 -0.38 18.83 9.90
CA ASP B 112 -0.39 18.37 11.28
C ASP B 112 -0.75 19.43 12.31
N TRP B 113 -0.24 20.69 12.11
CA TRP B 113 -0.47 21.73 13.09
C TRP B 113 -1.93 22.10 13.26
N PHE B 114 -2.76 21.79 12.27
CA PHE B 114 -4.24 21.95 12.35
C PHE B 114 -4.89 21.23 13.49
N PHE B 115 -4.28 20.12 13.98
CA PHE B 115 -4.85 19.35 15.04
C PHE B 115 -4.33 19.77 16.38
N LYS B 116 -3.61 20.88 16.42
CA LYS B 116 -2.77 21.26 17.59
C LYS B 116 -2.94 22.73 17.90
N ASP B 117 -2.72 23.06 19.15
CA ASP B 117 -2.70 24.45 19.60
C ASP B 117 -1.38 25.09 19.15
N SER B 118 -1.21 26.35 19.45
CA SER B 118 0.02 27.09 19.12
C SER B 118 1.29 26.47 19.63
N ASN B 119 1.15 25.72 20.71
CA ASN B 119 2.30 25.06 21.37
C ASN B 119 2.56 23.66 20.86
N GLY B 120 1.86 23.25 19.83
CA GLY B 120 2.07 21.90 19.31
C GLY B 120 1.41 20.77 20.10
N GLN B 121 0.59 21.11 21.06
CA GLN B 121 -0.10 20.17 21.85
C GLN B 121 -1.39 19.84 21.12
N ARG B 122 -1.78 18.58 21.08
CA ARG B 122 -3.07 18.25 20.47
C ARG B 122 -4.23 19.01 21.05
N LEU B 123 -5.13 19.43 20.21
CA LEU B 123 -6.37 20.05 20.64
C LEU B 123 -7.31 19.10 21.33
N SER B 124 -8.07 19.63 22.29
CA SER B 124 -9.17 18.88 22.91
C SER B 124 -10.29 18.65 21.85
N LYS B 125 -11.22 17.77 22.16
CA LYS B 125 -12.41 17.57 21.29
C LYS B 125 -13.13 18.95 21.03
N ASP B 126 -13.43 19.66 22.11
CA ASP B 126 -14.12 20.95 21.95
C ASP B 126 -13.33 21.98 21.14
N ALA B 127 -12.03 22.08 21.40
CA ALA B 127 -11.25 23.02 20.64
C ALA B 127 -11.07 22.67 19.17
N LEU B 128 -10.95 21.39 18.88
CA LEU B 128 -10.81 20.96 17.49
C LEU B 128 -12.17 21.13 16.78
N LEU B 129 -13.28 20.78 17.43
CA LEU B 129 -14.57 21.01 16.83
C LEU B 129 -14.82 22.50 16.58
N ALA B 130 -14.40 23.38 17.51
CA ALA B 130 -14.54 24.86 17.29
C ALA B 130 -13.75 25.32 16.10
N ARG B 131 -12.57 24.77 15.95
CA ARG B 131 -11.74 25.09 14.81
C ARG B 131 -12.32 24.63 13.46
N LEU B 132 -12.85 23.41 13.44
CA LEU B 132 -13.52 22.91 12.24
C LEU B 132 -14.68 23.82 11.85
N LYS B 133 -15.54 24.12 12.83
CA LYS B 133 -16.64 25.09 12.60
C LYS B 133 -16.18 26.40 11.94
N GLN B 134 -15.14 27.02 12.47
CA GLN B 134 -14.57 28.27 11.90
C GLN B 134 -14.06 28.02 10.48
N TYR B 135 -13.35 26.93 10.29
CA TYR B 135 -12.74 26.57 8.99
C TYR B 135 -13.84 26.37 7.94
N ILE B 136 -14.81 25.56 8.24
CA ILE B 136 -15.95 25.36 7.34
C ILE B 136 -16.75 26.69 7.08
N TYR B 137 -17.18 27.38 8.14
CA TYR B 137 -17.72 28.74 7.95
C TYR B 137 -16.88 29.64 7.03
N ASP B 138 -15.56 29.72 7.23
CA ASP B 138 -14.71 30.56 6.43
C ASP B 138 -14.59 30.11 4.96
N VAL B 139 -14.46 28.79 4.73
CA VAL B 139 -14.22 28.31 3.36
C VAL B 139 -15.54 28.21 2.56
N VAL B 140 -16.48 27.50 3.13
CA VAL B 140 -17.76 27.34 2.51
C VAL B 140 -18.47 28.70 2.32
N GLY B 141 -18.33 29.56 3.34
CA GLY B 141 -18.86 30.96 3.30
C GLY B 141 -18.26 31.76 2.24
N ARG B 142 -16.95 31.65 2.05
CA ARG B 142 -16.34 32.41 1.01
C ARG B 142 -16.95 32.15 -0.36
N TYR B 143 -17.39 30.92 -0.66
CA TYR B 143 -17.84 30.57 -2.01
C TYR B 143 -19.32 30.32 -2.05
N LYS B 144 -20.05 30.84 -1.05
CA LYS B 144 -21.46 30.62 -0.91
C LYS B 144 -22.16 30.89 -2.25
N GLY B 145 -22.96 29.97 -2.68
CA GLY B 145 -23.70 30.09 -3.92
C GLY B 145 -22.91 29.71 -5.18
N LYS B 146 -21.58 29.52 -5.10
CA LYS B 146 -20.75 29.27 -6.27
C LYS B 146 -20.23 27.81 -6.46
N VAL B 147 -20.62 26.92 -5.53
CA VAL B 147 -20.16 25.56 -5.50
C VAL B 147 -21.31 24.68 -5.46
N TYR B 148 -21.53 23.95 -6.53
CA TYR B 148 -22.72 23.16 -6.59
C TYR B 148 -22.69 21.97 -5.68
N ALA B 149 -21.50 21.45 -5.42
CA ALA B 149 -21.38 20.30 -4.54
C ALA B 149 -20.10 20.33 -3.74
N TRP B 150 -20.15 19.93 -2.46
CA TRP B 150 -18.96 19.87 -1.59
C TRP B 150 -18.77 18.41 -1.17
N ASP B 151 -17.52 17.90 -1.32
CA ASP B 151 -17.07 16.72 -0.52
C ASP B 151 -16.72 17.20 0.89
N VAL B 152 -17.70 17.08 1.78
CA VAL B 152 -17.58 17.65 3.13
C VAL B 152 -16.63 16.80 3.97
N VAL B 153 -16.90 15.51 3.96
CA VAL B 153 -16.09 14.51 4.67
C VAL B 153 -15.61 13.44 3.67
N ASN B 154 -14.25 13.22 3.66
CA ASN B 154 -13.59 12.25 2.79
C ASN B 154 -12.97 11.11 3.58
N GLU B 155 -13.37 9.89 3.25
CA GLU B 155 -12.64 8.68 3.72
C GLU B 155 -12.61 8.44 5.21
N ALA B 156 -13.77 8.61 5.85
CA ALA B 156 -13.91 8.44 7.30
C ALA B 156 -14.06 6.99 7.73
N ILE B 157 -14.19 6.09 6.77
CA ILE B 157 -14.52 4.70 7.04
C ILE B 157 -13.28 3.84 6.85
N ASP B 158 -13.04 2.92 7.81
CA ASP B 158 -12.02 1.86 7.70
C ASP B 158 -12.68 0.52 8.10
N GLU B 159 -12.95 -0.29 7.09
CA GLU B 159 -13.72 -1.51 7.21
C GLU B 159 -12.97 -2.55 8.10
N ASN B 160 -11.69 -2.35 8.34
CA ASN B 160 -10.90 -3.21 9.23
C ASN B 160 -11.22 -2.95 10.69
N GLN B 161 -11.82 -1.83 11.04
CA GLN B 161 -12.20 -1.58 12.43
C GLN B 161 -13.58 -2.13 12.66
N SER B 162 -13.81 -2.65 13.85
CA SER B 162 -15.08 -3.32 14.14
C SER B 162 -16.22 -2.30 14.12
N ASP B 163 -15.95 -1.04 14.47
CA ASP B 163 -17.02 -0.06 14.37
C ASP B 163 -17.05 0.67 13.01
N GLY B 164 -16.12 0.35 12.13
CA GLY B 164 -16.09 0.89 10.79
C GLY B 164 -15.36 2.23 10.66
N TYR B 165 -14.85 2.83 11.76
CA TYR B 165 -14.35 4.25 11.65
C TYR B 165 -12.84 4.31 11.49
N ARG B 166 -12.35 5.07 10.54
CA ARG B 166 -10.92 5.26 10.42
C ARG B 166 -10.40 5.95 11.73
N ARG B 167 -9.30 5.43 12.27
CA ARG B 167 -8.65 5.99 13.45
C ARG B 167 -7.67 7.09 13.04
N SER B 168 -8.20 8.09 12.35
CA SER B 168 -7.50 9.32 12.07
C SER B 168 -7.43 10.25 13.26
N THR B 169 -6.62 11.29 13.17
CA THR B 169 -6.57 12.24 14.23
C THR B 169 -7.96 12.83 14.49
N TRP B 170 -8.73 13.00 13.42
CA TRP B 170 -10.12 13.47 13.57
C TRP B 170 -10.87 12.62 14.53
N TYR B 171 -10.82 11.31 14.31
CA TYR B 171 -11.55 10.39 15.14
C TYR B 171 -10.98 10.18 16.51
N GLU B 172 -9.66 10.15 16.60
CA GLU B 172 -8.99 10.00 17.93
C GLU B 172 -9.27 11.18 18.88
N ILE B 173 -9.28 12.37 18.34
CA ILE B 173 -9.63 13.55 19.11
C ILE B 173 -11.16 13.65 19.38
N CYS B 174 -11.99 13.48 18.36
CA CYS B 174 -13.39 13.93 18.40
C CYS B 174 -14.44 12.84 18.62
N GLY B 175 -14.05 11.58 18.43
CA GLY B 175 -15.01 10.54 18.22
C GLY B 175 -15.68 10.73 16.87
N PRO B 176 -16.63 9.87 16.56
CA PRO B 176 -17.31 9.98 15.27
C PRO B 176 -18.15 11.28 15.02
N GLU B 177 -18.40 12.06 16.05
CA GLU B 177 -19.13 13.33 15.92
C GLU B 177 -18.61 14.33 14.95
N TYR B 178 -17.31 14.33 14.63
CA TYR B 178 -16.81 15.34 13.71
C TYR B 178 -17.52 15.20 12.35
N ILE B 179 -17.98 14.01 12.02
CA ILE B 179 -18.59 13.72 10.70
C ILE B 179 -19.97 14.46 10.56
N GLU B 180 -20.88 14.12 11.47
CA GLU B 180 -22.21 14.82 11.42
C GLU B 180 -22.13 16.36 11.59
N LYS B 181 -21.19 16.83 12.42
CA LYS B 181 -21.05 18.24 12.64
C LYS B 181 -20.56 18.96 11.44
N ALA B 182 -19.58 18.37 10.74
CA ALA B 182 -19.13 18.99 9.53
C ALA B 182 -20.27 19.24 8.54
N PHE B 183 -21.14 18.27 8.36
CA PHE B 183 -22.35 18.46 7.52
C PHE B 183 -23.32 19.57 7.99
N ILE B 184 -23.57 19.60 9.28
CA ILE B 184 -24.33 20.69 9.93
C ILE B 184 -23.76 22.04 9.61
N TRP B 185 -22.47 22.22 9.83
CA TRP B 185 -21.83 23.49 9.63
C TRP B 185 -21.70 23.91 8.17
N ALA B 186 -21.40 22.95 7.29
CA ALA B 186 -21.35 23.22 5.88
C ALA B 186 -22.73 23.71 5.37
N HIS B 187 -23.80 23.06 5.79
CA HIS B 187 -25.15 23.45 5.35
C HIS B 187 -25.60 24.81 5.93
N GLU B 188 -25.12 25.19 7.10
CA GLU B 188 -25.36 26.53 7.61
C GLU B 188 -24.60 27.55 6.79
N ALA B 189 -23.40 27.24 6.33
CA ALA B 189 -22.59 28.21 5.66
C ALA B 189 -22.97 28.42 4.21
N ASP B 190 -23.44 27.38 3.58
CA ASP B 190 -24.08 27.44 2.20
C ASP B 190 -25.23 26.48 2.08
N PRO B 191 -26.48 27.00 2.36
CA PRO B 191 -27.61 26.07 2.36
C PRO B 191 -27.98 25.54 0.97
N ASN B 192 -27.47 26.18 -0.07
CA ASN B 192 -27.76 25.69 -1.42
C ASN B 192 -26.75 24.67 -2.01
N ALA B 193 -25.62 24.41 -1.35
CA ALA B 193 -24.72 23.32 -1.83
C ALA B 193 -25.19 21.93 -1.48
N LYS B 194 -24.97 20.99 -2.38
CA LYS B 194 -25.19 19.57 -2.11
C LYS B 194 -23.91 19.00 -1.45
N LEU B 195 -24.13 18.30 -0.35
CA LEU B 195 -23.10 17.89 0.60
C LEU B 195 -22.98 16.40 0.50
N PHE B 196 -21.72 15.97 0.21
CA PHE B 196 -21.36 14.56 0.04
C PHE B 196 -20.41 14.00 1.03
N TYR B 197 -20.60 12.73 1.32
CA TYR B 197 -19.63 11.88 1.97
C TYR B 197 -18.95 11.13 0.80
N ASN B 198 -17.61 11.22 0.70
CA ASN B 198 -16.82 10.74 -0.41
C ASN B 198 -15.88 9.62 0.05
N ASP B 199 -15.81 8.51 -0.67
CA ASP B 199 -14.95 7.39 -0.32
C ASP B 199 -14.59 6.53 -1.53
N TYR B 200 -13.56 5.72 -1.35
CA TYR B 200 -13.02 4.79 -2.33
C TYR B 200 -13.29 3.32 -1.84
N ASN B 201 -13.04 2.35 -2.71
CA ASN B 201 -13.27 0.95 -2.40
C ASN B 201 -14.74 0.70 -1.90
N THR B 202 -15.67 1.38 -2.53
CA THR B 202 -17.13 1.22 -2.25
C THR B 202 -17.67 -0.15 -2.65
N GLU B 203 -16.87 -0.95 -3.39
CA GLU B 203 -17.25 -2.31 -3.75
C GLU B 203 -16.63 -3.41 -2.91
N ILE B 204 -15.84 -3.06 -1.89
CA ILE B 204 -15.47 -3.98 -0.86
C ILE B 204 -16.70 -4.13 0.05
N SER B 205 -17.25 -5.32 0.12
CA SER B 205 -18.60 -5.50 0.70
C SER B 205 -18.74 -4.91 2.08
N LYS B 206 -17.79 -5.16 2.94
CA LYS B 206 -17.90 -4.71 4.29
C LYS B 206 -17.80 -3.17 4.37
N LYS B 207 -16.96 -2.58 3.52
CA LYS B 207 -16.87 -1.14 3.45
C LYS B 207 -18.12 -0.53 2.99
N ARG B 208 -18.75 -1.11 1.95
CA ARG B 208 -20.02 -0.61 1.45
C ARG B 208 -21.14 -0.52 2.54
N GLU B 209 -21.24 -1.59 3.31
CA GLU B 209 -22.19 -1.72 4.43
C GLU B 209 -21.93 -0.64 5.51
N PHE B 210 -20.68 -0.45 5.87
CA PHE B 210 -20.35 0.61 6.86
C PHE B 210 -20.75 1.98 6.33
N ILE B 211 -20.47 2.27 5.04
CA ILE B 211 -20.80 3.52 4.46
C ILE B 211 -22.32 3.75 4.44
N TYR B 212 -23.02 2.78 3.88
CA TYR B 212 -24.50 2.81 3.80
C TYR B 212 -25.10 3.07 5.20
N ASN B 213 -24.72 2.28 6.17
CA ASN B 213 -25.21 2.46 7.54
C ASN B 213 -24.85 3.80 8.16
N MET B 214 -23.65 4.29 7.93
CA MET B 214 -23.32 5.58 8.46
C MET B 214 -24.22 6.61 7.89
N VAL B 215 -24.38 6.62 6.57
CA VAL B 215 -25.09 7.71 5.93
C VAL B 215 -26.61 7.60 6.25
N LYS B 216 -27.11 6.38 6.24
CA LYS B 216 -28.49 6.13 6.58
C LYS B 216 -28.84 6.75 7.96
N ASN B 217 -27.96 6.50 8.93
CA ASN B 217 -28.11 6.98 10.30
C ASN B 217 -27.95 8.48 10.42
N LEU B 218 -26.97 9.07 9.71
CA LEU B 218 -26.92 10.52 9.60
C LEU B 218 -28.26 11.09 9.08
N LYS B 219 -28.75 10.47 8.04
CA LYS B 219 -29.92 11.00 7.32
C LYS B 219 -31.18 10.87 8.18
N SER B 220 -31.33 9.81 8.93
CA SER B 220 -32.56 9.59 9.62
C SER B 220 -32.60 10.44 10.87
N LYS B 221 -31.44 10.92 11.31
CA LYS B 221 -31.41 11.83 12.42
C LYS B 221 -31.33 13.27 11.97
N GLY B 222 -31.65 13.53 10.71
CA GLY B 222 -31.73 14.85 10.19
C GLY B 222 -30.45 15.59 9.80
N ILE B 223 -29.31 14.91 9.64
CA ILE B 223 -28.08 15.62 9.28
C ILE B 223 -28.25 16.04 7.82
N PRO B 224 -27.88 17.26 7.44
CA PRO B 224 -28.04 17.60 6.05
C PRO B 224 -26.89 17.02 5.15
N ILE B 225 -26.97 15.74 4.92
CA ILE B 225 -26.13 15.08 3.91
C ILE B 225 -27.07 14.80 2.69
N HIS B 226 -26.62 15.21 1.53
CA HIS B 226 -27.37 15.09 0.28
C HIS B 226 -26.85 14.04 -0.65
N GLY B 227 -25.64 13.53 -0.43
CA GLY B 227 -25.09 12.63 -1.44
C GLY B 227 -23.97 11.74 -0.96
N ILE B 228 -23.76 10.63 -1.70
CA ILE B 228 -22.53 9.83 -1.54
C ILE B 228 -21.67 9.98 -2.79
N GLY B 229 -20.38 10.20 -2.59
CA GLY B 229 -19.40 10.31 -3.64
C GLY B 229 -18.67 8.98 -3.67
N MET B 230 -18.80 8.29 -4.80
CA MET B 230 -18.03 7.09 -5.07
C MET B 230 -16.80 7.46 -5.90
N GLN B 231 -15.62 7.36 -5.28
CA GLN B 231 -14.38 7.72 -5.99
C GLN B 231 -14.20 6.91 -7.28
N CYS B 232 -14.41 5.61 -7.26
CA CYS B 232 -14.21 4.76 -8.45
C CYS B 232 -12.75 4.87 -8.99
N HIS B 233 -11.77 4.77 -8.10
CA HIS B 233 -10.43 4.42 -8.48
C HIS B 233 -10.42 2.92 -8.72
N ILE B 234 -10.62 2.56 -9.99
CA ILE B 234 -10.77 1.16 -10.33
C ILE B 234 -9.69 0.71 -11.31
N ASN B 235 -9.77 -0.55 -11.74
CA ASN B 235 -8.79 -1.07 -12.73
C ASN B 235 -9.59 -1.92 -13.71
N VAL B 236 -8.92 -2.36 -14.78
N VAL B 236 -8.93 -2.35 -14.78
CA VAL B 236 -9.59 -3.10 -15.85
CA VAL B 236 -9.64 -3.06 -15.85
C VAL B 236 -10.20 -4.40 -15.36
C VAL B 236 -10.19 -4.40 -15.37
N ASN B 237 -9.66 -4.96 -14.29
CA ASN B 237 -10.15 -6.27 -13.83
C ASN B 237 -11.04 -6.24 -12.62
N TRP B 238 -11.14 -5.09 -11.94
CA TRP B 238 -11.90 -5.08 -10.65
C TRP B 238 -12.24 -3.66 -10.30
N PRO B 239 -13.44 -3.40 -9.72
CA PRO B 239 -14.52 -4.35 -9.45
C PRO B 239 -15.29 -4.55 -10.73
N SER B 240 -16.20 -5.53 -10.72
CA SER B 240 -17.07 -5.67 -11.86
C SER B 240 -18.07 -4.55 -12.00
N VAL B 241 -18.64 -4.43 -13.19
CA VAL B 241 -19.68 -3.41 -13.41
C VAL B 241 -20.91 -3.63 -12.51
N SER B 242 -21.21 -4.90 -12.30
CA SER B 242 -22.33 -5.35 -11.48
C SER B 242 -22.19 -4.94 -9.99
N GLU B 243 -20.97 -5.07 -9.47
CA GLU B 243 -20.56 -4.67 -8.12
C GLU B 243 -20.73 -3.12 -7.96
N ILE B 244 -20.34 -2.34 -8.96
CA ILE B 244 -20.52 -0.88 -8.97
C ILE B 244 -22.02 -0.50 -8.94
N GLU B 245 -22.77 -1.17 -9.80
CA GLU B 245 -24.20 -1.00 -9.76
C GLU B 245 -24.78 -1.36 -8.39
N ASN B 246 -24.31 -2.42 -7.77
CA ASN B 246 -24.82 -2.80 -6.49
C ASN B 246 -24.60 -1.74 -5.43
N SER B 247 -23.45 -1.05 -5.50
CA SER B 247 -23.17 0.08 -4.61
C SER B 247 -24.16 1.19 -4.84
N ILE B 248 -24.38 1.51 -6.12
CA ILE B 248 -25.26 2.67 -6.53
C ILE B 248 -26.69 2.38 -6.04
N LYS B 249 -27.17 1.18 -6.29
CA LYS B 249 -28.48 0.74 -5.79
C LYS B 249 -28.62 0.84 -4.26
N LEU B 250 -27.65 0.31 -3.56
CA LEU B 250 -27.74 0.33 -2.12
C LEU B 250 -27.68 1.75 -1.60
N PHE B 251 -26.71 2.53 -2.06
CA PHE B 251 -26.52 3.88 -1.52
C PHE B 251 -27.70 4.77 -1.82
N SER B 252 -28.30 4.58 -2.99
CA SER B 252 -29.34 5.50 -3.46
C SER B 252 -30.74 5.09 -2.99
N SER B 253 -30.80 3.97 -2.32
CA SER B 253 -32.00 3.47 -1.61
C SER B 253 -32.21 4.22 -0.29
N ILE B 254 -31.24 5.08 0.13
CA ILE B 254 -31.49 6.00 1.21
C ILE B 254 -32.24 7.20 0.64
N PRO B 255 -33.46 7.50 1.14
CA PRO B 255 -34.18 8.66 0.58
C PRO B 255 -33.43 9.95 0.78
N GLY B 256 -33.33 10.75 -0.28
CA GLY B 256 -32.61 11.99 -0.26
C GLY B 256 -31.05 11.87 -0.50
N ILE B 257 -30.55 10.68 -0.85
CA ILE B 257 -29.13 10.51 -1.23
C ILE B 257 -28.99 10.27 -2.74
N GLU B 258 -28.34 11.22 -3.40
CA GLU B 258 -27.93 11.06 -4.78
C GLU B 258 -26.46 10.63 -4.82
N ILE B 259 -26.07 10.19 -6.01
CA ILE B 259 -24.72 9.71 -6.27
C ILE B 259 -23.96 10.64 -7.15
N HIS B 260 -22.72 10.97 -6.72
CA HIS B 260 -21.72 11.49 -7.64
C HIS B 260 -20.62 10.41 -7.80
N ILE B 261 -20.18 10.21 -9.04
CA ILE B 261 -18.94 9.45 -9.33
C ILE B 261 -17.85 10.49 -9.39
N THR B 262 -17.01 10.52 -8.35
CA THR B 262 -16.19 11.73 -8.18
C THR B 262 -14.75 11.74 -8.66
N GLU B 263 -14.14 10.58 -8.83
CA GLU B 263 -12.65 10.51 -9.10
C GLU B 263 -12.30 9.31 -9.99
N LEU B 264 -13.13 9.08 -10.98
CA LEU B 264 -13.05 7.91 -11.84
C LEU B 264 -11.74 7.87 -12.62
N ASP B 265 -11.13 6.71 -12.57
CA ASP B 265 -10.02 6.36 -13.39
C ASP B 265 -9.88 4.85 -13.38
N MET B 266 -9.16 4.30 -14.39
CA MET B 266 -9.12 2.87 -14.58
C MET B 266 -7.71 2.40 -14.95
N SER B 267 -6.94 1.99 -13.95
CA SER B 267 -5.53 1.54 -14.15
C SER B 267 -5.57 0.30 -15.06
N LEU B 268 -4.49 0.12 -15.83
CA LEU B 268 -4.31 -1.06 -16.64
C LEU B 268 -3.77 -2.18 -15.80
N TYR B 269 -3.39 -1.93 -14.55
CA TYR B 269 -2.81 -2.99 -13.76
C TYR B 269 -3.86 -3.57 -12.88
N ASN B 270 -3.71 -4.83 -12.51
CA ASN B 270 -4.30 -5.34 -11.26
C ASN B 270 -3.53 -4.85 -10.06
N TYR B 271 -4.19 -4.76 -8.94
CA TYR B 271 -3.52 -4.40 -7.67
C TYR B 271 -2.42 -5.34 -7.20
N GLY B 272 -1.27 -4.80 -6.79
CA GLY B 272 -0.19 -5.60 -6.34
C GLY B 272 0.48 -6.49 -7.33
N SER B 273 0.43 -6.08 -8.58
CA SER B 273 0.95 -6.84 -9.67
C SER B 273 2.38 -6.50 -10.03
N SER B 274 3.12 -7.51 -10.43
N SER B 274 3.10 -7.54 -10.42
CA SER B 274 4.43 -7.33 -10.99
CA SER B 274 4.41 -7.44 -11.01
C SER B 274 4.46 -6.89 -12.43
C SER B 274 4.43 -6.76 -12.36
N GLU B 275 3.31 -6.73 -13.11
CA GLU B 275 3.35 -6.17 -14.45
C GLU B 275 3.81 -4.72 -14.41
N ASN B 276 4.45 -4.29 -15.50
CA ASN B 276 5.02 -2.97 -15.57
C ASN B 276 5.16 -2.63 -17.05
N TYR B 277 4.45 -1.58 -17.52
CA TYR B 277 4.42 -1.26 -18.93
C TYR B 277 5.04 0.09 -19.20
N SER B 278 5.76 0.18 -20.30
CA SER B 278 6.28 1.46 -20.80
C SER B 278 5.44 2.00 -21.95
N THR B 279 4.66 1.18 -22.64
CA THR B 279 3.65 1.66 -23.53
C THR B 279 2.43 0.77 -23.30
N PRO B 280 1.24 1.32 -23.50
CA PRO B 280 0.03 0.57 -23.11
C PRO B 280 -0.29 -0.56 -24.11
N PRO B 281 -0.48 -1.79 -23.64
CA PRO B 281 -0.82 -2.87 -24.53
C PRO B 281 -2.14 -2.59 -25.19
N GLN B 282 -2.22 -2.79 -26.49
CA GLN B 282 -3.43 -2.47 -27.27
C GLN B 282 -4.63 -3.30 -26.79
N ASP B 283 -4.38 -4.53 -26.41
CA ASP B 283 -5.41 -5.42 -25.91
C ASP B 283 -6.02 -4.90 -24.59
N LEU B 284 -5.16 -4.35 -23.73
CA LEU B 284 -5.64 -3.71 -22.50
C LEU B 284 -6.34 -2.45 -22.74
N LEU B 285 -5.89 -1.70 -23.73
CA LEU B 285 -6.59 -0.46 -24.03
C LEU B 285 -8.02 -0.76 -24.54
N GLN B 286 -8.17 -1.90 -25.17
N GLN B 286 -8.15 -1.90 -25.23
CA GLN B 286 -9.52 -2.20 -25.66
CA GLN B 286 -9.48 -2.34 -25.75
C GLN B 286 -10.43 -2.74 -24.58
C GLN B 286 -10.39 -2.74 -24.59
N LYS B 287 -9.85 -3.53 -23.67
CA LYS B 287 -10.55 -4.01 -22.47
C LYS B 287 -11.00 -2.85 -21.60
N GLN B 288 -10.15 -1.83 -21.50
CA GLN B 288 -10.47 -0.61 -20.78
C GLN B 288 -11.66 0.07 -21.43
N ALA B 289 -11.57 0.22 -22.76
CA ALA B 289 -12.62 0.86 -23.57
C ALA B 289 -13.98 0.11 -23.34
N GLN B 290 -13.96 -1.22 -23.40
N GLN B 290 -13.95 -1.23 -23.38
CA GLN B 290 -15.19 -1.97 -23.28
CA GLN B 290 -15.16 -2.04 -23.26
C GLN B 290 -15.75 -1.78 -21.86
C GLN B 290 -15.74 -2.07 -21.83
N LYS B 291 -14.89 -1.85 -20.83
CA LYS B 291 -15.33 -1.71 -19.45
C LYS B 291 -15.86 -0.33 -19.23
N TYR B 292 -15.18 0.68 -19.73
CA TYR B 292 -15.69 2.05 -19.66
C TYR B 292 -17.07 2.19 -20.27
N LYS B 293 -17.24 1.59 -21.44
CA LYS B 293 -18.57 1.65 -22.12
C LYS B 293 -19.63 1.03 -21.25
N GLU B 294 -19.36 -0.17 -20.75
CA GLU B 294 -20.28 -0.91 -19.91
C GLU B 294 -20.65 -0.17 -18.62
N ILE B 295 -19.72 0.63 -18.10
CA ILE B 295 -19.94 1.35 -16.86
C ILE B 295 -20.88 2.53 -17.18
N PHE B 296 -20.55 3.29 -18.19
CA PHE B 296 -21.31 4.38 -18.63
C PHE B 296 -22.75 4.03 -19.15
N THR B 297 -22.91 2.83 -19.72
CA THR B 297 -24.23 2.33 -20.08
C THR B 297 -25.06 2.19 -18.77
N MET B 298 -24.43 1.60 -17.75
CA MET B 298 -25.08 1.33 -16.47
C MET B 298 -25.36 2.64 -15.75
N LEU B 299 -24.42 3.59 -15.79
CA LEU B 299 -24.63 4.87 -15.14
C LEU B 299 -25.83 5.58 -15.79
N LYS B 300 -25.93 5.54 -17.11
CA LYS B 300 -27.10 6.11 -17.80
C LYS B 300 -28.43 5.58 -17.28
N LYS B 301 -28.50 4.31 -17.10
CA LYS B 301 -29.68 3.68 -16.59
C LYS B 301 -30.03 4.18 -15.16
N TYR B 302 -29.03 4.61 -14.39
CA TYR B 302 -29.25 5.18 -13.03
C TYR B 302 -29.05 6.64 -12.98
N LYS B 303 -29.27 7.28 -14.09
CA LYS B 303 -29.18 8.70 -14.14
C LYS B 303 -30.16 9.53 -13.19
N ASN B 304 -31.23 8.88 -12.71
N ASN B 304 -31.23 8.88 -12.73
CA ASN B 304 -32.13 9.49 -11.72
CA ASN B 304 -32.11 9.51 -11.76
C ASN B 304 -31.58 9.46 -10.28
C ASN B 304 -31.38 9.76 -10.42
N VAL B 305 -30.40 8.89 -10.11
CA VAL B 305 -29.57 9.06 -8.84
C VAL B 305 -28.15 9.56 -9.12
N VAL B 306 -27.57 9.13 -10.26
CA VAL B 306 -26.21 9.58 -10.67
C VAL B 306 -26.27 10.87 -11.39
N LYS B 307 -25.81 11.94 -10.77
CA LYS B 307 -25.96 13.27 -11.32
C LYS B 307 -24.74 13.94 -11.85
N SER B 308 -23.54 13.39 -11.51
CA SER B 308 -22.27 14.08 -11.88
C SER B 308 -21.22 12.95 -11.88
N VAL B 309 -20.46 12.89 -12.96
CA VAL B 309 -19.41 11.86 -13.13
C VAL B 309 -18.16 12.64 -13.51
N THR B 310 -17.12 12.54 -12.67
CA THR B 310 -15.91 13.28 -12.80
C THR B 310 -14.74 12.29 -12.94
N PHE B 311 -13.89 12.58 -13.92
CA PHE B 311 -12.65 11.85 -14.16
C PHE B 311 -11.51 12.49 -13.38
N TRP B 312 -10.74 11.66 -12.72
CA TRP B 312 -9.66 12.22 -11.91
C TRP B 312 -8.41 12.49 -12.77
N GLY B 313 -8.55 13.44 -13.71
CA GLY B 313 -7.39 13.94 -14.50
C GLY B 313 -7.80 14.13 -15.94
N LEU B 314 -7.12 15.04 -16.60
CA LEU B 314 -7.50 15.45 -17.95
C LEU B 314 -7.03 14.47 -19.01
N LYS B 315 -5.81 13.95 -18.81
CA LYS B 315 -5.20 13.01 -19.76
C LYS B 315 -4.12 12.16 -19.06
N ASP B 316 -3.65 11.12 -19.73
CA ASP B 316 -3.02 9.99 -19.05
C ASP B 316 -1.77 10.40 -18.29
N ASP B 317 -0.93 11.24 -18.88
CA ASP B 317 0.24 11.63 -18.16
C ASP B 317 0.01 12.58 -16.98
N TYR B 318 -1.20 13.14 -16.82
CA TYR B 318 -1.55 13.89 -15.61
C TYR B 318 -2.12 13.04 -14.49
N SER B 319 -2.28 11.74 -14.72
CA SER B 319 -2.83 10.88 -13.70
C SER B 319 -1.95 10.76 -12.44
N TRP B 320 -2.59 10.99 -11.30
CA TRP B 320 -1.99 10.85 -9.98
C TRP B 320 -1.37 9.44 -9.79
N LEU B 321 -1.86 8.45 -10.53
CA LEU B 321 -1.49 7.06 -10.30
C LEU B 321 0.06 6.83 -10.63
N ARG B 322 0.58 7.62 -11.57
N ARG B 322 0.57 7.59 -11.61
CA ARG B 322 1.96 7.45 -12.05
CA ARG B 322 1.96 7.45 -12.05
C ARG B 322 2.94 7.74 -10.93
C ARG B 322 2.84 7.61 -10.83
N SER B 323 2.74 8.80 -10.17
N SER B 323 2.81 8.79 -10.20
CA SER B 323 3.65 9.14 -9.06
CA SER B 323 3.69 9.05 -9.06
C SER B 323 3.31 8.39 -7.77
C SER B 323 3.34 8.25 -7.82
N PHE B 324 2.06 7.96 -7.60
CA PHE B 324 1.65 7.37 -6.36
C PHE B 324 2.15 5.92 -6.27
N TYR B 325 2.01 5.12 -7.33
CA TYR B 325 2.45 3.74 -7.35
C TYR B 325 3.79 3.53 -8.06
N GLY B 326 4.24 4.54 -8.76
CA GLY B 326 5.61 4.56 -9.38
C GLY B 326 5.71 3.75 -10.65
N LYS B 327 4.58 3.50 -11.36
CA LYS B 327 4.62 2.83 -12.63
C LYS B 327 3.84 3.63 -13.65
N ASN B 328 4.26 3.60 -14.91
CA ASN B 328 3.55 4.33 -15.92
C ASN B 328 2.13 3.69 -16.09
N ASP B 329 1.16 4.50 -16.42
CA ASP B 329 -0.26 4.01 -16.49
C ASP B 329 -1.03 4.86 -17.39
N TRP B 330 -2.14 4.33 -17.86
CA TRP B 330 -2.95 4.94 -18.94
C TRP B 330 -4.45 4.84 -18.50
N PRO B 331 -4.85 5.66 -17.48
CA PRO B 331 -6.16 5.44 -16.79
C PRO B 331 -7.39 6.21 -17.31
N LEU B 332 -7.21 7.12 -18.23
CA LEU B 332 -8.18 8.13 -18.56
C LEU B 332 -8.64 7.98 -20.03
N LEU B 333 -9.28 9.01 -20.62
CA LEU B 333 -9.86 8.91 -21.95
C LEU B 333 -8.98 9.51 -23.01
N PHE B 334 -7.95 10.29 -22.65
CA PHE B 334 -7.09 11.00 -23.55
C PHE B 334 -5.62 10.64 -23.28
N PHE B 335 -4.87 10.44 -24.36
CA PHE B 335 -3.47 10.14 -24.26
C PHE B 335 -2.69 11.37 -23.93
N GLU B 336 -1.40 11.19 -23.66
CA GLU B 336 -0.49 12.31 -23.35
C GLU B 336 -0.43 13.41 -24.42
N ASP B 337 -0.59 13.03 -25.69
CA ASP B 337 -0.63 13.99 -26.77
C ASP B 337 -2.05 14.57 -26.99
N TYR B 338 -2.97 14.42 -26.01
CA TYR B 338 -4.34 14.91 -26.06
C TYR B 338 -5.29 14.14 -26.99
N SER B 339 -4.79 13.13 -27.68
CA SER B 339 -5.62 12.45 -28.65
C SER B 339 -6.57 11.49 -27.97
N ALA B 340 -7.71 11.26 -28.59
CA ALA B 340 -8.67 10.38 -27.99
C ALA B 340 -8.28 8.95 -28.03
N LYS B 341 -8.52 8.27 -26.91
CA LYS B 341 -8.23 6.87 -26.78
C LYS B 341 -9.43 6.03 -27.21
N PRO B 342 -9.20 4.72 -27.36
CA PRO B 342 -10.29 3.77 -27.59
C PRO B 342 -11.45 3.89 -26.58
N ALA B 343 -11.10 4.15 -25.33
CA ALA B 343 -12.11 4.38 -24.26
C ALA B 343 -12.95 5.63 -24.47
N TYR B 344 -12.38 6.67 -25.03
CA TYR B 344 -13.13 7.83 -25.38
C TYR B 344 -14.26 7.45 -26.35
N TRP B 345 -13.90 6.79 -27.45
CA TRP B 345 -14.89 6.48 -28.48
C TRP B 345 -15.97 5.53 -27.91
N ALA B 346 -15.56 4.68 -27.00
CA ALA B 346 -16.44 3.77 -26.35
C ALA B 346 -17.43 4.44 -25.39
N VAL B 347 -16.98 5.51 -24.73
CA VAL B 347 -17.81 6.23 -23.80
C VAL B 347 -18.87 7.05 -24.55
N ILE B 348 -18.47 7.74 -25.64
CA ILE B 348 -19.46 8.56 -26.39
C ILE B 348 -20.52 7.70 -27.09
N GLU B 349 -20.41 6.40 -27.10
CA GLU B 349 -21.48 5.59 -27.69
C GLU B 349 -22.13 4.68 -26.66
N ALA B 350 -21.87 4.87 -25.36
CA ALA B 350 -22.47 4.02 -24.30
C ALA B 350 -23.99 4.23 -24.23
N LYS C 14 -4.43 -11.90 17.46
CA LYS C 14 -4.60 -13.04 18.40
C LYS C 14 -6.08 -13.50 18.53
N ALA C 15 -7.03 -12.74 17.97
CA ALA C 15 -8.46 -12.81 18.37
C ALA C 15 -9.46 -13.48 17.38
N PRO C 16 -10.00 -14.64 17.75
CA PRO C 16 -11.11 -15.23 16.99
C PRO C 16 -12.41 -14.68 17.48
N ASP C 17 -13.45 -14.75 16.65
CA ASP C 17 -14.77 -14.29 17.05
C ASP C 17 -15.65 -15.48 17.39
N TRP C 18 -15.86 -15.71 18.67
CA TRP C 18 -16.75 -16.78 19.08
C TRP C 18 -18.23 -16.59 18.83
N SER C 19 -18.65 -15.40 18.38
CA SER C 19 -20.07 -15.11 18.20
C SER C 19 -20.64 -15.29 16.82
N ILE C 20 -19.80 -15.43 15.81
CA ILE C 20 -20.28 -15.44 14.43
C ILE C 20 -20.91 -16.78 14.15
N PRO C 21 -21.70 -16.89 13.08
CA PRO C 21 -22.29 -18.19 12.80
C PRO C 21 -21.29 -19.32 12.59
N SER C 22 -21.69 -20.53 13.02
CA SER C 22 -20.93 -21.77 12.81
C SER C 22 -21.10 -22.16 11.38
N LEU C 23 -19.98 -22.38 10.69
CA LEU C 23 -20.03 -22.90 9.34
C LEU C 23 -20.86 -24.20 9.23
N CYS C 24 -20.55 -25.19 10.09
CA CYS C 24 -21.27 -26.51 9.93
C CYS C 24 -22.73 -26.41 10.29
N GLU C 25 -23.03 -25.69 11.38
CA GLU C 25 -24.47 -25.41 11.75
C GLU C 25 -25.19 -24.67 10.62
N SER C 26 -24.54 -23.66 10.00
CA SER C 26 -25.16 -23.02 8.81
C SER C 26 -25.46 -23.95 7.65
N TYR C 27 -24.61 -24.96 7.48
CA TYR C 27 -24.77 -25.95 6.43
C TYR C 27 -25.46 -27.28 6.92
N LYS C 28 -26.06 -27.28 8.13
CA LYS C 28 -26.94 -28.36 8.71
C LYS C 28 -27.75 -29.18 7.68
N ASP C 29 -28.53 -28.49 6.88
CA ASP C 29 -29.41 -29.13 5.94
C ASP C 29 -28.78 -29.23 4.58
N ASP C 30 -27.44 -29.14 4.50
CA ASP C 30 -26.73 -29.21 3.22
C ASP C 30 -25.73 -30.36 3.20
N PHE C 31 -24.70 -30.28 4.04
CA PHE C 31 -23.67 -31.31 4.09
C PHE C 31 -22.79 -31.07 5.23
N ILE C 32 -21.99 -32.09 5.50
CA ILE C 32 -20.92 -32.00 6.48
C ILE C 32 -19.86 -30.95 6.04
N ILE C 33 -19.33 -30.22 7.00
CA ILE C 33 -18.25 -29.24 6.75
C ILE C 33 -17.09 -29.63 7.57
N GLY C 34 -16.02 -30.05 6.89
CA GLY C 34 -14.84 -30.48 7.62
C GLY C 34 -13.57 -29.65 7.48
N VAL C 35 -12.57 -30.03 8.26
CA VAL C 35 -11.29 -29.38 8.25
C VAL C 35 -10.11 -30.35 8.47
N ALA C 36 -9.04 -30.14 7.70
CA ALA C 36 -7.82 -30.85 7.91
C ALA C 36 -6.92 -30.18 8.89
N ILE C 37 -6.45 -30.93 9.87
CA ILE C 37 -5.61 -30.41 10.93
C ILE C 37 -4.48 -31.31 11.24
N PRO C 38 -3.32 -30.75 11.64
CA PRO C 38 -2.25 -31.54 12.23
C PRO C 38 -2.51 -31.85 13.70
N ALA C 39 -1.69 -32.70 14.28
CA ALA C 39 -1.96 -33.21 15.62
C ALA C 39 -1.93 -32.11 16.68
N ARG C 40 -1.00 -31.17 16.57
CA ARG C 40 -0.96 -30.05 17.55
C ARG C 40 -2.28 -29.31 17.79
N CYS C 41 -3.17 -29.29 16.81
CA CYS C 41 -4.47 -28.62 16.96
C CYS C 41 -5.43 -29.31 17.92
N LEU C 42 -5.28 -30.63 18.06
CA LEU C 42 -6.15 -31.37 19.00
C LEU C 42 -5.94 -30.94 20.47
N SER C 43 -4.71 -30.55 20.82
CA SER C 43 -4.37 -30.10 22.17
C SER C 43 -4.02 -28.57 22.31
N ASN C 44 -4.43 -27.74 21.35
CA ASN C 44 -4.33 -26.28 21.46
C ASN C 44 -5.74 -25.78 21.72
N ASP C 45 -5.90 -25.11 22.85
CA ASP C 45 -7.21 -24.67 23.29
C ASP C 45 -7.97 -23.89 22.25
N THR C 46 -7.31 -22.93 21.60
CA THR C 46 -7.99 -22.09 20.60
C THR C 46 -8.33 -22.86 19.31
N ASP C 47 -7.34 -23.61 18.81
CA ASP C 47 -7.56 -24.43 17.63
C ASP C 47 -8.68 -25.39 17.92
N LYS C 48 -8.61 -26.08 19.06
CA LYS C 48 -9.67 -27.02 19.38
C LYS C 48 -11.05 -26.37 19.36
N ARG C 49 -11.18 -25.22 20.03
CA ARG C 49 -12.51 -24.54 20.07
C ARG C 49 -13.05 -24.12 18.70
N MET C 50 -12.12 -23.66 17.87
CA MET C 50 -12.41 -23.21 16.50
C MET C 50 -12.90 -24.39 15.67
N VAL C 51 -12.19 -25.52 15.80
CA VAL C 51 -12.60 -26.75 15.07
C VAL C 51 -14.05 -27.15 15.43
N LEU C 52 -14.27 -27.27 16.73
CA LEU C 52 -15.56 -27.68 17.25
C LEU C 52 -16.66 -26.66 16.97
N LYS C 53 -16.32 -25.37 16.95
CA LYS C 53 -17.35 -24.38 16.58
C LYS C 53 -17.79 -24.54 15.14
N HIS C 54 -16.84 -24.60 14.21
CA HIS C 54 -17.19 -24.52 12.81
C HIS C 54 -17.33 -25.85 12.08
N PHE C 55 -16.79 -26.92 12.63
CA PHE C 55 -16.64 -28.13 11.82
C PHE C 55 -17.22 -29.41 12.47
N ASN C 56 -17.92 -30.19 11.65
CA ASN C 56 -18.42 -31.48 12.08
C ASN C 56 -17.76 -32.68 11.36
N SER C 57 -16.53 -32.47 10.90
CA SER C 57 -15.63 -33.55 10.36
C SER C 57 -14.21 -33.03 10.40
N ILE C 58 -13.27 -33.89 10.82
CA ILE C 58 -11.86 -33.62 10.70
C ILE C 58 -11.16 -34.64 9.83
N THR C 59 -10.03 -34.23 9.27
CA THR C 59 -9.15 -35.11 8.53
C THR C 59 -7.75 -34.85 9.10
N ALA C 60 -6.98 -35.91 9.32
CA ALA C 60 -5.67 -35.74 9.83
C ALA C 60 -4.79 -35.34 8.63
N GLU C 61 -4.12 -34.20 8.76
CA GLU C 61 -3.40 -33.66 7.64
C GLU C 61 -2.31 -34.62 7.16
N ASN C 62 -1.57 -35.21 8.08
CA ASN C 62 -0.56 -36.20 7.79
C ASN C 62 -0.57 -37.47 8.63
N GLU C 63 -1.31 -37.47 9.72
CA GLU C 63 -0.93 -38.42 10.79
C GLU C 63 -1.56 -39.79 10.63
N MET C 64 -2.43 -39.95 9.62
CA MET C 64 -3.01 -41.29 9.26
C MET C 64 -2.52 -41.90 7.90
N LYS C 65 -1.44 -41.31 7.36
CA LYS C 65 -0.80 -41.76 6.15
C LYS C 65 0.19 -42.81 6.51
N PRO C 66 0.61 -43.61 5.53
CA PRO C 66 1.45 -44.78 5.93
C PRO C 66 2.72 -44.46 6.62
N GLU C 67 3.43 -43.40 6.18
CA GLU C 67 4.68 -43.11 6.87
C GLU C 67 4.51 -42.73 8.36
N SER C 68 3.34 -42.26 8.74
CA SER C 68 3.01 -41.92 10.13
C SER C 68 2.61 -43.18 10.99
N LEU C 69 1.99 -44.14 10.37
CA LEU C 69 1.52 -45.33 11.09
C LEU C 69 2.50 -46.44 11.09
N LEU C 70 3.40 -46.54 10.11
CA LEU C 70 4.35 -47.66 10.07
C LEU C 70 5.59 -47.41 10.91
N ALA C 71 6.00 -48.42 11.71
CA ALA C 71 7.21 -48.38 12.49
C ALA C 71 8.30 -49.19 11.83
N GLY C 72 7.90 -50.28 11.20
CA GLY C 72 8.90 -51.16 10.62
C GLY C 72 8.34 -52.51 10.23
N GLN C 73 9.26 -53.41 9.95
CA GLN C 73 8.88 -54.83 9.67
C GLN C 73 9.77 -55.79 10.41
N THR C 74 9.21 -56.98 10.68
CA THR C 74 10.00 -58.12 11.09
C THR C 74 10.22 -59.03 9.83
N SER C 75 10.80 -60.21 9.98
CA SER C 75 10.97 -61.10 8.82
C SER C 75 9.62 -61.48 8.21
N THR C 76 8.53 -61.42 8.98
CA THR C 76 7.22 -61.85 8.46
C THR C 76 6.05 -60.91 8.66
N GLY C 77 6.24 -59.78 9.33
CA GLY C 77 5.09 -58.82 9.41
C GLY C 77 5.51 -57.39 9.60
N LEU C 78 4.52 -56.59 9.92
CA LEU C 78 4.64 -55.13 10.12
C LEU C 78 4.46 -54.77 11.60
N SER C 79 5.11 -53.68 12.07
CA SER C 79 4.86 -53.01 13.31
C SER C 79 4.40 -51.56 13.05
N TYR C 80 3.62 -51.02 13.97
CA TYR C 80 2.89 -49.76 13.82
C TYR C 80 3.11 -48.76 14.96
N ARG C 81 2.79 -47.50 14.71
N ARG C 81 2.71 -47.52 14.68
CA ARG C 81 2.73 -46.46 15.74
CA ARG C 81 2.68 -46.41 15.62
C ARG C 81 1.34 -45.86 15.59
C ARG C 81 1.27 -45.89 15.53
N PHE C 82 0.48 -46.12 16.58
CA PHE C 82 -0.94 -45.77 16.55
C PHE C 82 -1.39 -44.66 17.51
N SER C 83 -0.50 -44.22 18.34
CA SER C 83 -0.82 -43.35 19.45
C SER C 83 -1.48 -42.03 18.99
N THR C 84 -0.83 -41.37 18.03
CA THR C 84 -1.36 -40.10 17.49
C THR C 84 -2.61 -40.33 16.69
N ALA C 85 -2.63 -41.35 15.85
CA ALA C 85 -3.80 -41.67 15.10
C ALA C 85 -5.03 -41.97 16.02
N ASP C 86 -4.77 -42.71 17.08
CA ASP C 86 -5.83 -43.03 18.07
C ASP C 86 -6.40 -41.71 18.62
N ALA C 87 -5.51 -40.77 18.94
CA ALA C 87 -5.96 -39.45 19.45
C ALA C 87 -6.86 -38.69 18.48
N PHE C 88 -6.60 -38.81 17.16
CA PHE C 88 -7.52 -38.21 16.17
C PHE C 88 -8.87 -38.88 16.23
N VAL C 89 -8.84 -40.22 16.26
CA VAL C 89 -10.09 -40.95 16.16
C VAL C 89 -10.87 -40.75 17.46
N ASP C 90 -10.17 -40.66 18.59
CA ASP C 90 -10.83 -40.49 19.89
C ASP C 90 -11.47 -39.11 19.94
N PHE C 91 -10.68 -38.05 19.72
CA PHE C 91 -11.20 -36.67 19.48
C PHE C 91 -12.47 -36.60 18.73
N ALA C 92 -12.52 -37.25 17.58
CA ALA C 92 -13.75 -37.29 16.80
C ALA C 92 -14.91 -38.02 17.49
N SER C 93 -14.61 -39.20 18.03
CA SER C 93 -15.70 -39.98 18.62
C SER C 93 -16.22 -39.22 19.89
N THR C 94 -15.31 -38.76 20.77
N THR C 94 -15.27 -38.78 20.75
CA THR C 94 -15.69 -38.00 21.98
CA THR C 94 -15.47 -37.97 21.96
C THR C 94 -16.46 -36.73 21.70
C THR C 94 -16.25 -36.67 21.78
N ASN C 95 -16.13 -36.03 20.61
CA ASN C 95 -16.82 -34.74 20.30
C ASN C 95 -17.96 -34.91 19.32
N LYS C 96 -18.31 -36.15 18.98
CA LYS C 96 -19.43 -36.41 18.06
C LYS C 96 -19.32 -35.73 16.69
N ILE C 97 -18.13 -35.81 16.09
CA ILE C 97 -17.90 -35.35 14.72
C ILE C 97 -17.32 -36.47 13.91
N GLY C 98 -17.53 -36.41 12.60
CA GLY C 98 -16.93 -37.41 11.68
C GLY C 98 -15.41 -37.28 11.65
N ILE C 99 -14.73 -38.38 11.33
CA ILE C 99 -13.29 -38.32 10.91
C ILE C 99 -13.15 -39.04 9.56
N ARG C 100 -12.62 -38.35 8.55
CA ARG C 100 -12.22 -38.97 7.27
C ARG C 100 -10.86 -39.56 7.45
N GLY C 101 -10.76 -40.85 7.15
CA GLY C 101 -9.47 -41.49 7.23
C GLY C 101 -8.66 -41.26 5.94
N HIS C 102 -7.41 -40.82 6.09
CA HIS C 102 -6.63 -40.35 4.93
C HIS C 102 -5.19 -40.67 5.19
N THR C 103 -4.56 -41.58 4.41
CA THR C 103 -5.14 -42.31 3.26
C THR C 103 -4.41 -43.62 3.24
N LEU C 104 -5.06 -44.66 2.71
CA LEU C 104 -4.53 -46.05 2.90
C LEU C 104 -3.44 -46.41 1.89
N VAL C 105 -3.63 -45.99 0.65
CA VAL C 105 -2.77 -46.31 -0.47
C VAL C 105 -2.44 -44.99 -1.26
N TRP C 106 -1.15 -44.66 -1.27
CA TRP C 106 -0.64 -43.47 -2.00
C TRP C 106 0.82 -43.63 -2.36
N HIS C 107 1.19 -43.14 -3.53
CA HIS C 107 2.59 -43.10 -3.91
C HIS C 107 3.41 -42.15 -3.07
N ASN C 108 2.80 -41.17 -2.40
CA ASN C 108 3.52 -40.29 -1.52
C ASN C 108 3.32 -40.66 -0.05
N GLN C 109 4.28 -40.24 0.76
CA GLN C 109 4.20 -40.32 2.17
C GLN C 109 3.99 -41.78 2.63
N THR C 110 4.67 -42.66 1.92
CA THR C 110 4.74 -44.15 2.23
C THR C 110 6.22 -44.47 2.23
N PRO C 111 6.77 -45.03 3.30
CA PRO C 111 8.19 -45.36 3.32
C PRO C 111 8.64 -46.24 2.18
N ASP C 112 9.75 -45.88 1.55
CA ASP C 112 10.32 -46.73 0.47
C ASP C 112 10.47 -48.18 0.89
N TRP C 113 10.83 -48.41 2.15
CA TRP C 113 11.06 -49.78 2.67
C TRP C 113 9.82 -50.63 2.64
N PHE C 114 8.64 -50.00 2.67
CA PHE C 114 7.36 -50.69 2.59
C PHE C 114 7.16 -51.49 1.32
N PHE C 115 7.78 -51.07 0.20
CA PHE C 115 7.70 -51.81 -1.02
C PHE C 115 8.80 -52.92 -1.12
N LYS C 116 9.62 -53.10 -0.09
CA LYS C 116 10.73 -53.98 -0.16
C LYS C 116 10.71 -55.02 0.97
N ASP C 117 11.49 -56.07 0.77
CA ASP C 117 11.67 -57.12 1.78
C ASP C 117 12.73 -56.61 2.77
N SER C 118 12.98 -57.35 3.85
CA SER C 118 13.99 -56.98 4.83
C SER C 118 15.35 -56.60 4.22
N ASN C 119 15.69 -57.26 3.11
CA ASN C 119 16.98 -57.08 2.43
C ASN C 119 16.98 -55.87 1.46
N GLY C 120 15.86 -55.17 1.37
CA GLY C 120 15.75 -54.00 0.44
C GLY C 120 15.47 -54.33 -1.02
N GLN C 121 15.12 -55.57 -1.32
CA GLN C 121 14.73 -55.98 -2.65
C GLN C 121 13.28 -55.71 -2.82
N ARG C 122 12.83 -55.14 -3.96
CA ARG C 122 11.41 -54.95 -4.17
C ARG C 122 10.65 -56.23 -3.96
N LEU C 123 9.49 -56.08 -3.36
CA LEU C 123 8.60 -57.20 -3.17
C LEU C 123 7.99 -57.60 -4.49
N SER C 124 7.76 -58.89 -4.63
CA SER C 124 6.96 -59.40 -5.71
C SER C 124 5.54 -58.88 -5.65
N LYS C 125 4.82 -59.04 -6.76
CA LYS C 125 3.45 -58.71 -6.78
C LYS C 125 2.65 -59.38 -5.67
N ASP C 126 2.80 -60.69 -5.54
CA ASP C 126 2.07 -61.36 -4.50
C ASP C 126 2.45 -60.93 -3.12
N ALA C 127 3.73 -60.72 -2.87
CA ALA C 127 4.18 -60.36 -1.56
C ALA C 127 3.73 -58.91 -1.19
N LEU C 128 3.70 -58.00 -2.16
CA LEU C 128 3.29 -56.59 -1.85
C LEU C 128 1.80 -56.60 -1.65
N LEU C 129 1.06 -57.34 -2.46
CA LEU C 129 -0.38 -57.44 -2.22
C LEU C 129 -0.74 -58.07 -0.90
N ALA C 130 0.06 -59.05 -0.45
CA ALA C 130 -0.19 -59.63 0.91
C ALA C 130 0.09 -58.60 2.03
N ARG C 131 1.23 -57.85 1.93
CA ARG C 131 1.56 -56.75 2.85
C ARG C 131 0.45 -55.71 2.91
N LEU C 132 -0.14 -55.41 1.78
CA LEU C 132 -1.14 -54.40 1.68
C LEU C 132 -2.36 -54.87 2.39
N LYS C 133 -2.75 -56.12 2.16
CA LYS C 133 -3.81 -56.72 2.96
C LYS C 133 -3.56 -56.66 4.44
N GLN C 134 -2.38 -57.05 4.94
N GLN C 134 -2.40 -57.03 4.96
CA GLN C 134 -2.13 -56.95 6.38
CA GLN C 134 -2.22 -56.97 6.41
C GLN C 134 -2.47 -55.51 6.77
C GLN C 134 -2.13 -55.53 6.94
N TYR C 135 -1.86 -54.58 6.04
CA TYR C 135 -1.93 -53.16 6.35
C TYR C 135 -3.33 -52.63 6.48
N ILE C 136 -4.15 -52.87 5.47
CA ILE C 136 -5.49 -52.40 5.45
C ILE C 136 -6.29 -53.10 6.55
N TYR C 137 -6.10 -54.42 6.68
CA TYR C 137 -6.72 -55.09 7.81
C TYR C 137 -6.35 -54.52 9.17
N ASP C 138 -5.08 -54.20 9.42
CA ASP C 138 -4.69 -53.75 10.72
C ASP C 138 -5.21 -52.28 10.98
N VAL C 139 -5.04 -51.38 10.01
CA VAL C 139 -5.41 -49.95 10.20
C VAL C 139 -6.91 -49.75 10.15
N VAL C 140 -7.54 -50.27 9.12
CA VAL C 140 -8.95 -50.08 8.98
C VAL C 140 -9.68 -50.88 10.09
N GLY C 141 -9.05 -52.01 10.49
CA GLY C 141 -9.56 -52.92 11.55
C GLY C 141 -9.54 -52.26 12.86
N ARG C 142 -8.42 -51.65 13.17
CA ARG C 142 -8.28 -50.95 14.39
C ARG C 142 -9.38 -49.88 14.59
N TYR C 143 -9.91 -49.21 13.52
CA TYR C 143 -10.81 -48.04 13.72
C TYR C 143 -12.22 -48.38 13.27
N LYS C 144 -12.54 -49.68 13.22
CA LYS C 144 -13.81 -50.17 12.69
C LYS C 144 -14.99 -49.47 13.34
N GLY C 145 -15.94 -49.05 12.51
CA GLY C 145 -17.15 -48.33 12.94
C GLY C 145 -16.99 -46.86 13.36
N LYS C 146 -15.75 -46.36 13.50
CA LYS C 146 -15.48 -45.00 13.96
C LYS C 146 -15.00 -43.99 12.90
N VAL C 147 -14.82 -44.46 11.66
CA VAL C 147 -14.41 -43.65 10.54
C VAL C 147 -15.50 -43.67 9.56
N TYR C 148 -16.18 -42.54 9.35
CA TYR C 148 -17.26 -42.55 8.38
C TYR C 148 -16.85 -42.67 6.94
N ALA C 149 -15.60 -42.31 6.65
CA ALA C 149 -15.17 -42.34 5.25
C ALA C 149 -13.69 -42.54 5.16
N TRP C 150 -13.24 -43.42 4.26
CA TRP C 150 -11.83 -43.61 4.01
C TRP C 150 -11.51 -43.17 2.60
N ASP C 151 -10.41 -42.40 2.46
CA ASP C 151 -9.69 -42.31 1.14
C ASP C 151 -8.84 -43.57 1.02
N VAL C 152 -9.38 -44.58 0.33
CA VAL C 152 -8.73 -45.87 0.26
C VAL C 152 -7.53 -45.79 -0.68
N VAL C 153 -7.76 -45.29 -1.87
CA VAL C 153 -6.68 -45.06 -2.82
C VAL C 153 -6.69 -43.56 -3.23
N ASN C 154 -5.49 -43.00 -3.24
CA ASN C 154 -5.25 -41.55 -3.57
C ASN C 154 -4.35 -41.44 -4.78
N GLU C 155 -4.85 -40.75 -5.81
CA GLU C 155 -3.96 -40.22 -6.92
C GLU C 155 -3.34 -41.34 -7.78
N ALA C 156 -4.18 -42.31 -8.14
CA ALA C 156 -3.72 -43.47 -8.90
C ALA C 156 -3.71 -43.20 -10.41
N ILE C 157 -4.29 -42.07 -10.84
CA ILE C 157 -4.45 -41.69 -12.23
C ILE C 157 -3.40 -40.64 -12.68
N ASP C 158 -2.71 -40.95 -13.79
CA ASP C 158 -1.87 -40.03 -14.53
C ASP C 158 -2.41 -39.95 -15.96
N GLU C 159 -3.12 -38.85 -16.21
CA GLU C 159 -3.66 -38.52 -17.52
C GLU C 159 -2.68 -38.52 -18.70
N ASN C 160 -1.40 -38.42 -18.44
CA ASN C 160 -0.40 -38.39 -19.48
C ASN C 160 -0.01 -39.79 -19.89
N GLN C 161 -0.52 -40.82 -19.20
CA GLN C 161 -0.28 -42.21 -19.63
C GLN C 161 -1.40 -42.63 -20.50
N SER C 162 -1.09 -43.36 -21.57
CA SER C 162 -2.11 -43.87 -22.50
C SER C 162 -3.18 -44.67 -21.81
N ASP C 163 -2.80 -45.48 -20.83
CA ASP C 163 -3.83 -46.28 -20.07
C ASP C 163 -4.43 -45.53 -18.84
N GLY C 164 -3.82 -44.38 -18.51
CA GLY C 164 -4.33 -43.51 -17.47
C GLY C 164 -3.80 -43.72 -16.08
N TYR C 165 -3.04 -44.79 -15.88
CA TYR C 165 -2.55 -45.20 -14.54
C TYR C 165 -1.21 -44.62 -14.24
N ARG C 166 -1.08 -43.97 -13.08
CA ARG C 166 0.19 -43.41 -12.62
C ARG C 166 1.16 -44.53 -12.39
N ARG C 167 2.42 -44.32 -12.82
CA ARG C 167 3.48 -45.35 -12.73
C ARG C 167 4.23 -45.29 -11.42
N SER C 168 3.47 -45.32 -10.32
CA SER C 168 4.03 -45.41 -9.00
C SER C 168 4.60 -46.82 -8.78
N THR C 169 5.36 -46.97 -7.71
CA THR C 169 5.83 -48.31 -7.29
C THR C 169 4.66 -49.26 -7.13
N TRP C 170 3.50 -48.80 -6.63
CA TRP C 170 2.27 -49.61 -6.56
C TRP C 170 1.91 -50.21 -7.90
N TYR C 171 1.84 -49.40 -8.93
CA TYR C 171 1.43 -49.91 -10.24
C TYR C 171 2.53 -50.77 -10.87
N GLU C 172 3.78 -50.39 -10.71
CA GLU C 172 4.90 -51.09 -11.32
C GLU C 172 4.98 -52.54 -10.80
N ILE C 173 4.78 -52.72 -9.49
CA ILE C 173 4.81 -54.04 -8.85
C ILE C 173 3.54 -54.80 -9.12
N CYS C 174 2.38 -54.16 -8.93
CA CYS C 174 1.12 -54.87 -8.86
C CYS C 174 0.29 -54.86 -10.12
N GLY C 175 0.61 -53.98 -11.07
CA GLY C 175 -0.33 -53.59 -12.09
C GLY C 175 -1.51 -52.90 -11.44
N PRO C 176 -2.59 -52.66 -12.20
CA PRO C 176 -3.68 -51.87 -11.67
C PRO C 176 -4.57 -52.59 -10.65
N GLU C 177 -4.24 -53.84 -10.36
CA GLU C 177 -5.03 -54.62 -9.44
C GLU C 177 -5.01 -54.14 -8.03
N TYR C 178 -3.91 -53.46 -7.63
CA TYR C 178 -3.81 -52.94 -6.25
C TYR C 178 -4.97 -52.05 -5.85
N ILE C 179 -5.61 -51.40 -6.83
CA ILE C 179 -6.71 -50.46 -6.56
C ILE C 179 -7.96 -51.23 -6.08
N GLU C 180 -8.48 -52.07 -6.96
CA GLU C 180 -9.69 -52.83 -6.62
C GLU C 180 -9.51 -53.70 -5.37
N LYS C 181 -8.32 -54.23 -5.14
CA LYS C 181 -8.04 -55.02 -3.96
C LYS C 181 -8.01 -54.20 -2.70
N ALA C 182 -7.38 -53.02 -2.76
CA ALA C 182 -7.45 -52.08 -1.65
C ALA C 182 -8.86 -51.92 -1.14
N PHE C 183 -9.79 -51.68 -2.05
CA PHE C 183 -11.17 -51.48 -1.66
C PHE C 183 -11.87 -52.72 -1.08
N ILE C 184 -11.64 -53.84 -1.73
CA ILE C 184 -12.13 -55.13 -1.20
C ILE C 184 -11.70 -55.35 0.23
N TRP C 185 -10.42 -55.21 0.48
CA TRP C 185 -9.90 -55.42 1.78
C TRP C 185 -10.34 -54.42 2.82
N ALA C 186 -10.60 -53.19 2.40
CA ALA C 186 -11.06 -52.17 3.31
C ALA C 186 -12.53 -52.43 3.64
N HIS C 187 -13.29 -52.82 2.63
CA HIS C 187 -14.70 -53.11 2.82
C HIS C 187 -14.94 -54.33 3.75
N GLU C 188 -14.02 -55.26 3.73
CA GLU C 188 -14.01 -56.38 4.67
C GLU C 188 -13.59 -55.98 6.05
N ALA C 189 -12.59 -55.11 6.17
CA ALA C 189 -12.18 -54.66 7.47
C ALA C 189 -13.16 -53.76 8.23
N ASP C 190 -13.92 -52.97 7.51
CA ASP C 190 -15.03 -52.21 8.10
C ASP C 190 -16.11 -52.06 7.05
N PRO C 191 -17.14 -52.95 7.10
CA PRO C 191 -18.22 -52.72 6.15
C PRO C 191 -19.05 -51.47 6.36
N ASN C 192 -18.96 -50.79 7.49
N ASN C 192 -18.95 -50.81 7.53
CA ASN C 192 -19.74 -49.54 7.70
CA ASN C 192 -19.61 -49.46 7.84
C ASN C 192 -19.05 -48.26 7.12
C ASN C 192 -19.09 -48.37 6.88
N ALA C 193 -17.76 -48.30 6.76
CA ALA C 193 -17.04 -47.19 6.09
C ALA C 193 -17.40 -46.93 4.64
N LYS C 194 -17.70 -45.67 4.32
CA LYS C 194 -17.81 -45.24 2.92
C LYS C 194 -16.38 -45.11 2.34
N LEU C 195 -16.16 -45.71 1.18
CA LEU C 195 -14.82 -45.88 0.67
C LEU C 195 -14.69 -45.05 -0.57
N PHE C 196 -13.64 -44.24 -0.59
CA PHE C 196 -13.48 -43.18 -1.60
C PHE C 196 -12.16 -43.37 -2.32
N TYR C 197 -12.20 -43.10 -3.61
CA TYR C 197 -11.07 -42.89 -4.48
C TYR C 197 -10.96 -41.31 -4.51
N ASN C 198 -9.77 -40.78 -4.24
CA ASN C 198 -9.48 -39.37 -4.02
C ASN C 198 -8.45 -38.90 -5.06
N ASP C 199 -8.68 -37.70 -5.62
CA ASP C 199 -7.75 -37.18 -6.58
C ASP C 199 -7.93 -35.63 -6.76
N TYR C 200 -6.89 -35.08 -7.36
CA TYR C 200 -6.74 -33.65 -7.69
C TYR C 200 -6.77 -33.46 -9.22
N ASN C 201 -6.91 -32.21 -9.60
CA ASN C 201 -7.07 -31.83 -11.00
C ASN C 201 -8.20 -32.58 -11.68
N THR C 202 -9.33 -32.71 -10.95
CA THR C 202 -10.50 -33.42 -11.46
C THR C 202 -11.16 -32.66 -12.59
N GLU C 203 -10.75 -31.39 -12.83
CA GLU C 203 -11.31 -30.64 -13.94
C GLU C 203 -10.38 -30.63 -15.18
N ILE C 204 -9.24 -31.33 -15.16
CA ILE C 204 -8.45 -31.54 -16.36
C ILE C 204 -9.28 -32.55 -17.14
N SER C 205 -9.63 -32.23 -18.38
N SER C 205 -9.59 -32.26 -18.40
CA SER C 205 -10.65 -33.02 -19.07
CA SER C 205 -10.62 -33.00 -19.10
C SER C 205 -10.33 -34.50 -19.16
C SER C 205 -10.33 -34.48 -19.21
N LYS C 206 -9.12 -34.82 -19.59
CA LYS C 206 -8.76 -36.19 -19.76
C LYS C 206 -8.61 -36.93 -18.40
N LYS C 207 -8.22 -36.19 -17.36
CA LYS C 207 -8.08 -36.82 -16.06
C LYS C 207 -9.47 -37.20 -15.57
N ARG C 208 -10.42 -36.30 -15.75
CA ARG C 208 -11.76 -36.54 -15.33
C ARG C 208 -12.32 -37.82 -16.02
N GLU C 209 -12.03 -37.96 -17.32
CA GLU C 209 -12.44 -39.11 -18.14
C GLU C 209 -11.91 -40.43 -17.60
N PHE C 210 -10.58 -40.48 -17.40
CA PHE C 210 -9.92 -41.63 -16.79
C PHE C 210 -10.43 -41.96 -15.40
N ILE C 211 -10.66 -40.95 -14.57
CA ILE C 211 -11.21 -41.18 -13.24
C ILE C 211 -12.59 -41.79 -13.35
N TYR C 212 -13.41 -41.22 -14.22
CA TYR C 212 -14.82 -41.60 -14.36
C TYR C 212 -14.88 -43.09 -14.78
N ASN C 213 -13.98 -43.47 -15.69
CA ASN C 213 -14.00 -44.78 -16.31
C ASN C 213 -13.52 -45.80 -15.34
N MET C 214 -12.40 -45.52 -14.69
CA MET C 214 -11.95 -46.37 -13.63
C MET C 214 -13.10 -46.65 -12.67
N VAL C 215 -13.66 -45.64 -12.05
CA VAL C 215 -14.62 -45.89 -10.97
C VAL C 215 -15.88 -46.60 -11.49
N LYS C 216 -16.34 -46.18 -12.66
CA LYS C 216 -17.44 -46.82 -13.33
C LYS C 216 -17.20 -48.35 -13.51
N ASN C 217 -16.02 -48.71 -14.02
CA ASN C 217 -15.63 -50.10 -14.24
C ASN C 217 -15.51 -50.87 -12.94
N LEU C 218 -14.87 -50.28 -11.93
CA LEU C 218 -14.83 -50.92 -10.64
C LEU C 218 -16.25 -51.21 -10.17
N LYS C 219 -17.15 -50.25 -10.36
CA LYS C 219 -18.51 -50.33 -9.81
C LYS C 219 -19.37 -51.33 -10.57
N SER C 220 -19.02 -51.58 -11.83
CA SER C 220 -19.71 -52.58 -12.62
C SER C 220 -19.32 -53.99 -12.21
N LYS C 221 -18.08 -54.19 -11.80
CA LYS C 221 -17.66 -55.48 -11.22
C LYS C 221 -17.99 -55.64 -9.76
N GLY C 222 -18.84 -54.79 -9.19
CA GLY C 222 -19.20 -54.93 -7.79
C GLY C 222 -18.05 -54.71 -6.79
N ILE C 223 -17.02 -53.96 -7.20
CA ILE C 223 -15.99 -53.54 -6.22
C ILE C 223 -16.67 -52.59 -5.20
N PRO C 224 -16.45 -52.77 -3.88
CA PRO C 224 -17.14 -51.88 -2.90
C PRO C 224 -16.44 -50.45 -2.82
N ILE C 225 -16.63 -49.67 -3.85
CA ILE C 225 -16.20 -48.26 -3.86
C ILE C 225 -17.50 -47.49 -3.74
N HIS C 226 -17.59 -46.62 -2.74
CA HIS C 226 -18.78 -45.83 -2.52
C HIS C 226 -18.69 -44.34 -2.97
N GLY C 227 -17.50 -43.83 -3.30
CA GLY C 227 -17.46 -42.39 -3.61
C GLY C 227 -16.22 -41.95 -4.33
N ILE C 228 -16.30 -40.74 -4.90
CA ILE C 228 -15.13 -40.08 -5.48
C ILE C 228 -14.84 -38.85 -4.60
N GLY C 229 -13.62 -38.74 -4.13
CA GLY C 229 -13.17 -37.55 -3.41
C GLY C 229 -12.51 -36.60 -4.40
N MET C 230 -13.00 -35.38 -4.47
CA MET C 230 -12.41 -34.35 -5.37
C MET C 230 -11.61 -33.43 -4.46
N GLN C 231 -10.28 -33.42 -4.62
CA GLN C 231 -9.45 -32.65 -3.71
C GLN C 231 -9.81 -31.15 -3.78
N CYS C 232 -9.99 -30.65 -5.00
CA CYS C 232 -10.28 -29.21 -5.23
C CYS C 232 -9.22 -28.27 -4.64
N HIS C 233 -7.97 -28.54 -5.02
CA HIS C 233 -6.87 -27.67 -4.74
C HIS C 233 -6.93 -26.71 -5.94
N ILE C 234 -7.62 -25.60 -5.74
CA ILE C 234 -7.90 -24.70 -6.84
C ILE C 234 -7.28 -23.30 -6.62
N ASN C 235 -7.54 -22.38 -7.55
CA ASN C 235 -7.09 -20.95 -7.34
C ASN C 235 -8.23 -20.01 -7.81
N VAL C 236 -8.05 -18.70 -7.61
CA VAL C 236 -9.16 -17.76 -7.94
C VAL C 236 -9.50 -17.75 -9.41
N ASN C 237 -8.60 -18.12 -10.25
CA ASN C 237 -8.84 -18.00 -11.70
C ASN C 237 -9.12 -19.30 -12.45
N TRP C 238 -8.83 -20.46 -11.83
CA TRP C 238 -9.03 -21.74 -12.49
C TRP C 238 -9.26 -22.81 -11.42
N PRO C 239 -10.09 -23.85 -11.70
CA PRO C 239 -11.06 -23.95 -12.78
C PRO C 239 -12.28 -23.11 -12.47
N SER C 240 -13.10 -22.92 -13.48
CA SER C 240 -14.35 -22.24 -13.35
C SER C 240 -15.31 -23.09 -12.47
N VAL C 241 -16.31 -22.47 -11.87
CA VAL C 241 -17.30 -23.16 -11.06
C VAL C 241 -18.07 -24.17 -11.96
N SER C 242 -18.35 -23.75 -13.20
CA SER C 242 -18.99 -24.56 -14.19
C SER C 242 -18.19 -25.88 -14.46
N GLU C 243 -16.87 -25.80 -14.63
N GLU C 243 -16.86 -25.75 -14.65
CA GLU C 243 -16.07 -27.03 -14.78
CA GLU C 243 -15.96 -26.92 -14.79
C GLU C 243 -16.08 -27.97 -13.55
C GLU C 243 -16.03 -27.92 -13.57
N ILE C 244 -16.14 -27.40 -12.35
CA ILE C 244 -16.25 -28.23 -11.15
C ILE C 244 -17.68 -28.86 -11.11
N GLU C 245 -18.68 -28.12 -11.54
CA GLU C 245 -20.03 -28.66 -11.66
C GLU C 245 -20.04 -29.85 -12.64
N ASN C 246 -19.36 -29.71 -13.77
CA ASN C 246 -19.29 -30.77 -14.76
C ASN C 246 -18.70 -32.01 -14.17
N SER C 247 -17.67 -31.83 -13.35
CA SER C 247 -17.07 -32.94 -12.66
C SER C 247 -18.08 -33.66 -11.75
N ILE C 248 -18.82 -32.88 -10.97
CA ILE C 248 -19.77 -33.44 -10.06
C ILE C 248 -20.86 -34.18 -10.85
N LYS C 249 -21.35 -33.58 -11.93
CA LYS C 249 -22.40 -34.18 -12.75
C LYS C 249 -21.97 -35.51 -13.28
N LEU C 250 -20.81 -35.56 -13.92
CA LEU C 250 -20.27 -36.77 -14.51
C LEU C 250 -20.06 -37.81 -13.44
N PHE C 251 -19.33 -37.44 -12.39
CA PHE C 251 -18.98 -38.41 -11.37
C PHE C 251 -20.19 -39.00 -10.67
N SER C 252 -21.25 -38.21 -10.57
CA SER C 252 -22.46 -38.64 -9.90
C SER C 252 -23.46 -39.37 -10.84
N SER C 253 -23.10 -39.47 -12.12
CA SER C 253 -23.90 -40.16 -13.10
C SER C 253 -23.69 -41.66 -12.97
N ILE C 254 -22.70 -42.04 -12.18
CA ILE C 254 -22.40 -43.42 -11.90
C ILE C 254 -23.27 -43.85 -10.75
N PRO C 255 -24.09 -44.89 -10.96
CA PRO C 255 -24.96 -45.27 -9.87
C PRO C 255 -24.23 -45.59 -8.60
N GLY C 256 -24.80 -45.14 -7.49
CA GLY C 256 -24.23 -45.39 -6.15
C GLY C 256 -22.93 -44.67 -5.79
N ILE C 257 -22.57 -43.62 -6.55
CA ILE C 257 -21.31 -42.91 -6.26
C ILE C 257 -21.65 -41.55 -5.66
N GLU C 258 -21.24 -41.35 -4.43
CA GLU C 258 -21.36 -40.03 -3.89
C GLU C 258 -20.04 -39.23 -3.98
N ILE C 259 -20.09 -37.95 -3.59
CA ILE C 259 -19.01 -37.00 -3.84
C ILE C 259 -18.67 -36.37 -2.56
N HIS C 260 -17.40 -36.47 -2.16
CA HIS C 260 -16.80 -35.66 -1.11
C HIS C 260 -15.81 -34.64 -1.76
N ILE C 261 -15.93 -33.38 -1.34
CA ILE C 261 -14.93 -32.37 -1.64
C ILE C 261 -13.97 -32.46 -0.49
N THR C 262 -12.76 -32.94 -0.76
CA THR C 262 -11.92 -33.41 0.31
C THR C 262 -10.80 -32.51 0.85
N GLU C 263 -10.30 -31.61 0.01
CA GLU C 263 -9.09 -30.85 0.39
C GLU C 263 -9.20 -29.41 -0.20
N LEU C 264 -10.36 -28.82 0.00
CA LEU C 264 -10.66 -27.57 -0.68
C LEU C 264 -9.79 -26.47 -0.14
N ASP C 265 -9.09 -25.80 -1.09
CA ASP C 265 -8.44 -24.51 -0.82
C ASP C 265 -8.32 -23.71 -2.14
N MET C 266 -8.08 -22.38 -2.04
CA MET C 266 -8.14 -21.55 -3.24
C MET C 266 -7.00 -20.51 -3.16
N SER C 267 -5.87 -20.88 -3.73
CA SER C 267 -4.69 -19.99 -3.82
C SER C 267 -5.05 -18.66 -4.48
N LEU C 268 -4.35 -17.59 -4.09
CA LEU C 268 -4.54 -16.29 -4.74
C LEU C 268 -3.74 -16.18 -6.02
N TYR C 269 -2.87 -17.15 -6.30
CA TYR C 269 -2.03 -17.11 -7.44
C TYR C 269 -2.58 -17.97 -8.54
N ASN C 270 -2.35 -17.52 -9.77
CA ASN C 270 -2.31 -18.42 -10.90
C ASN C 270 -1.10 -19.34 -10.87
N TYR C 271 -1.25 -20.51 -11.44
CA TYR C 271 -0.18 -21.47 -11.53
C TYR C 271 1.00 -20.98 -12.39
N GLY C 272 2.21 -21.08 -11.85
CA GLY C 272 3.39 -20.72 -12.56
C GLY C 272 3.60 -19.22 -12.68
N SER C 273 2.96 -18.48 -11.80
CA SER C 273 2.94 -17.00 -11.92
C SER C 273 4.11 -16.39 -11.19
N SER C 274 4.61 -15.30 -11.73
N SER C 274 4.63 -15.28 -11.67
CA SER C 274 5.61 -14.47 -11.07
CA SER C 274 5.66 -14.55 -10.92
C SER C 274 5.07 -13.71 -9.86
C SER C 274 5.07 -13.62 -9.89
N GLU C 275 3.74 -13.56 -9.74
CA GLU C 275 3.15 -12.77 -8.67
C GLU C 275 3.66 -13.29 -7.30
N ASN C 276 3.82 -12.36 -6.36
CA ASN C 276 4.32 -12.69 -5.05
C ASN C 276 3.80 -11.60 -4.08
N TYR C 277 3.00 -11.99 -3.10
CA TYR C 277 2.39 -11.02 -2.19
C TYR C 277 2.84 -11.23 -0.77
N SER C 278 3.05 -10.13 -0.06
CA SER C 278 3.32 -10.20 1.36
C SER C 278 2.04 -9.90 2.13
N THR C 279 1.06 -9.26 1.53
CA THR C 279 -0.22 -9.13 2.17
C THR C 279 -1.23 -9.30 1.04
N PRO C 280 -2.35 -9.89 1.38
CA PRO C 280 -3.28 -10.24 0.30
C PRO C 280 -3.96 -9.00 -0.32
N PRO C 281 -3.85 -8.80 -1.64
CA PRO C 281 -4.62 -7.71 -2.25
C PRO C 281 -6.09 -7.76 -1.96
N GLN C 282 -6.67 -6.61 -1.65
CA GLN C 282 -8.08 -6.58 -1.25
C GLN C 282 -9.03 -7.02 -2.40
N ASP C 283 -8.63 -6.78 -3.63
CA ASP C 283 -9.43 -7.14 -4.82
C ASP C 283 -9.45 -8.67 -5.04
N LEU C 284 -8.33 -9.31 -4.83
CA LEU C 284 -8.29 -10.79 -4.87
C LEU C 284 -9.06 -11.44 -3.73
N LEU C 285 -9.00 -10.87 -2.54
CA LEU C 285 -9.78 -11.38 -1.42
C LEU C 285 -11.25 -11.32 -1.73
N GLN C 286 -11.66 -10.32 -2.53
CA GLN C 286 -13.08 -10.21 -2.92
C GLN C 286 -13.46 -11.19 -4.03
N LYS C 287 -12.52 -11.40 -4.97
CA LYS C 287 -12.67 -12.41 -6.02
C LYS C 287 -12.75 -13.81 -5.41
N GLN C 288 -11.88 -14.07 -4.47
CA GLN C 288 -11.88 -15.33 -3.70
C GLN C 288 -13.21 -15.54 -2.99
N ALA C 289 -13.72 -14.50 -2.33
CA ALA C 289 -15.01 -14.57 -1.64
C ALA C 289 -16.15 -14.90 -2.59
N GLN C 290 -16.15 -14.23 -3.73
CA GLN C 290 -17.20 -14.40 -4.68
C GLN C 290 -17.15 -15.79 -5.33
N LYS C 291 -15.93 -16.26 -5.65
CA LYS C 291 -15.75 -17.60 -6.21
C LYS C 291 -16.19 -18.68 -5.20
N TYR C 292 -15.78 -18.56 -3.97
CA TYR C 292 -16.23 -19.48 -2.94
C TYR C 292 -17.75 -19.51 -2.82
N LYS C 293 -18.36 -18.33 -2.89
CA LYS C 293 -19.80 -18.23 -2.83
C LYS C 293 -20.42 -19.04 -3.93
N GLU C 294 -20.05 -18.74 -5.16
CA GLU C 294 -20.52 -19.43 -6.34
C GLU C 294 -20.30 -20.95 -6.28
N ILE C 295 -19.14 -21.35 -5.77
CA ILE C 295 -18.86 -22.80 -5.58
C ILE C 295 -19.89 -23.43 -4.61
N PHE C 296 -20.03 -22.84 -3.41
CA PHE C 296 -20.97 -23.34 -2.43
C PHE C 296 -22.43 -23.26 -2.81
N THR C 297 -22.80 -22.25 -3.60
CA THR C 297 -24.15 -22.20 -4.15
C THR C 297 -24.40 -23.42 -5.05
N MET C 298 -23.38 -23.76 -5.84
CA MET C 298 -23.49 -24.83 -6.80
C MET C 298 -23.48 -26.16 -6.06
N LEU C 299 -22.66 -26.30 -5.03
CA LEU C 299 -22.62 -27.52 -4.25
C LEU C 299 -23.94 -27.80 -3.57
N LYS C 300 -24.66 -26.73 -3.17
CA LYS C 300 -25.92 -26.89 -2.47
C LYS C 300 -26.97 -27.50 -3.37
N LYS C 301 -26.95 -27.09 -4.64
CA LYS C 301 -27.78 -27.64 -5.68
C LYS C 301 -27.54 -29.13 -5.88
N TYR C 302 -26.35 -29.61 -5.57
CA TYR C 302 -26.03 -31.04 -5.67
C TYR C 302 -25.84 -31.71 -4.33
N LYS C 303 -26.49 -31.22 -3.27
CA LYS C 303 -26.32 -31.80 -1.96
C LYS C 303 -26.87 -33.26 -1.85
N ASN C 304 -27.73 -33.68 -2.76
CA ASN C 304 -28.18 -35.09 -2.87
C ASN C 304 -26.99 -36.01 -3.02
N VAL C 305 -26.01 -35.59 -3.82
CA VAL C 305 -24.81 -36.36 -4.06
C VAL C 305 -23.55 -35.86 -3.32
N VAL C 306 -23.42 -34.54 -3.08
CA VAL C 306 -22.29 -34.00 -2.34
C VAL C 306 -22.57 -34.06 -0.86
N LYS C 307 -21.84 -34.93 -0.18
CA LYS C 307 -22.14 -35.25 1.21
C LYS C 307 -21.28 -34.63 2.28
N SER C 308 -20.02 -34.31 1.94
CA SER C 308 -19.06 -33.75 2.89
C SER C 308 -18.07 -32.84 2.08
N VAL C 309 -17.78 -31.67 2.67
CA VAL C 309 -16.88 -30.64 2.09
C VAL C 309 -15.90 -30.28 3.19
N THR C 310 -14.61 -30.54 2.94
CA THR C 310 -13.55 -30.37 3.88
C THR C 310 -12.48 -29.39 3.29
N PHE C 311 -12.08 -28.46 4.15
CA PHE C 311 -11.04 -27.46 3.86
C PHE C 311 -9.72 -27.99 4.27
N TRP C 312 -8.71 -27.83 3.38
CA TRP C 312 -7.41 -28.32 3.71
C TRP C 312 -6.61 -27.33 4.54
N GLY C 313 -7.11 -27.09 5.75
CA GLY C 313 -6.43 -26.29 6.75
C GLY C 313 -7.42 -25.38 7.49
N LEU C 314 -7.07 -25.06 8.71
CA LEU C 314 -7.97 -24.34 9.63
C LEU C 314 -8.00 -22.85 9.29
N LYS C 315 -6.80 -22.31 9.04
CA LYS C 315 -6.61 -20.85 8.69
C LYS C 315 -5.39 -20.67 7.83
N ASP C 316 -5.24 -19.46 7.23
CA ASP C 316 -4.32 -19.29 6.11
C ASP C 316 -2.88 -19.63 6.39
N ASP C 317 -2.39 -19.32 7.57
CA ASP C 317 -1.01 -19.57 7.83
C ASP C 317 -0.71 -21.04 8.15
N TYR C 318 -1.75 -21.86 8.29
CA TYR C 318 -1.53 -23.30 8.40
C TYR C 318 -1.56 -24.00 7.03
N SER C 319 -1.74 -23.24 5.95
CA SER C 319 -1.86 -23.86 4.66
C SER C 319 -0.55 -24.47 4.18
N TRP C 320 -0.68 -25.72 3.70
CA TRP C 320 0.44 -26.41 3.07
C TRP C 320 1.04 -25.64 1.91
N LEU C 321 0.24 -24.82 1.24
CA LEU C 321 0.72 -24.09 0.05
C LEU C 321 1.93 -23.24 0.34
N ARG C 322 2.04 -22.72 1.57
CA ARG C 322 3.05 -21.69 1.84
C ARG C 322 4.40 -22.38 1.77
N SER C 323 4.47 -23.56 2.35
CA SER C 323 5.75 -24.26 2.36
C SER C 323 6.00 -25.00 1.02
N PHE C 324 4.95 -25.49 0.38
CA PHE C 324 5.14 -26.24 -0.86
C PHE C 324 5.68 -25.33 -1.99
N TYR C 325 5.14 -24.12 -2.19
CA TYR C 325 5.57 -23.28 -3.33
C TYR C 325 6.47 -22.15 -2.85
N GLY C 326 6.63 -22.03 -1.54
CA GLY C 326 7.60 -21.05 -1.00
C GLY C 326 7.16 -19.61 -1.12
N LYS C 327 5.87 -19.36 -1.21
CA LYS C 327 5.32 -17.97 -1.24
C LYS C 327 4.17 -17.87 -0.24
N ASN C 328 3.99 -16.72 0.39
CA ASN C 328 2.87 -16.51 1.24
C ASN C 328 1.56 -16.61 0.51
N ASP C 329 0.50 -17.08 1.18
CA ASP C 329 -0.77 -17.29 0.45
C ASP C 329 -1.86 -17.25 1.44
N TRP C 330 -3.07 -17.01 0.95
CA TRP C 330 -4.27 -16.84 1.77
C TRP C 330 -5.42 -17.63 1.20
N PRO C 331 -5.41 -18.97 1.37
CA PRO C 331 -6.33 -19.83 0.59
C PRO C 331 -7.62 -20.30 1.26
N LEU C 332 -7.79 -20.00 2.54
CA LEU C 332 -8.90 -20.53 3.34
C LEU C 332 -9.90 -19.44 3.79
N LEU C 333 -10.69 -19.72 4.81
CA LEU C 333 -11.75 -18.82 5.24
C LEU C 333 -11.43 -17.92 6.45
N PHE C 334 -10.34 -18.19 7.16
CA PHE C 334 -9.90 -17.46 8.33
C PHE C 334 -8.45 -17.06 8.14
N PHE C 335 -8.17 -15.81 8.48
CA PHE C 335 -6.80 -15.24 8.50
C PHE C 335 -5.96 -15.82 9.63
N GLU C 336 -4.68 -15.46 9.62
CA GLU C 336 -3.67 -15.88 10.58
C GLU C 336 -4.01 -15.58 12.05
N ASP C 337 -4.84 -14.57 12.27
CA ASP C 337 -5.26 -14.19 13.61
C ASP C 337 -6.62 -14.78 13.95
N TYR C 338 -7.05 -15.80 13.21
CA TYR C 338 -8.34 -16.46 13.37
C TYR C 338 -9.54 -15.65 12.93
N SER C 339 -9.36 -14.44 12.41
CA SER C 339 -10.54 -13.66 12.10
C SER C 339 -11.13 -14.08 10.78
N ALA C 340 -12.44 -13.98 10.67
CA ALA C 340 -13.15 -14.36 9.49
C ALA C 340 -12.81 -13.46 8.29
N LYS C 341 -12.61 -14.06 7.10
CA LYS C 341 -12.24 -13.33 5.88
C LYS C 341 -13.50 -12.99 5.14
N PRO C 342 -13.42 -12.14 4.12
CA PRO C 342 -14.50 -11.96 3.18
C PRO C 342 -15.09 -13.26 2.67
N ALA C 343 -14.25 -14.24 2.40
CA ALA C 343 -14.75 -15.56 1.95
C ALA C 343 -15.61 -16.29 2.99
N TYR C 344 -15.32 -16.11 4.27
CA TYR C 344 -16.19 -16.70 5.31
C TYR C 344 -17.61 -16.17 5.12
N TRP C 345 -17.72 -14.84 5.10
CA TRP C 345 -19.03 -14.23 5.02
C TRP C 345 -19.72 -14.61 3.75
N ALA C 346 -19.00 -14.75 2.65
CA ALA C 346 -19.65 -15.11 1.38
C ALA C 346 -20.29 -16.52 1.41
N VAL C 347 -19.54 -17.44 2.01
CA VAL C 347 -19.91 -18.84 2.13
C VAL C 347 -21.17 -19.04 3.01
N ILE C 348 -21.20 -18.40 4.17
CA ILE C 348 -22.32 -18.35 5.09
C ILE C 348 -23.61 -17.89 4.40
N GLU C 349 -23.49 -17.14 3.31
CA GLU C 349 -24.60 -16.51 2.60
C GLU C 349 -24.91 -17.22 1.29
N ALA C 350 -24.18 -18.30 0.95
CA ALA C 350 -24.23 -18.91 -0.37
C ALA C 350 -25.52 -19.72 -0.60
S SO4 D . 18.47 13.73 -21.15
O1 SO4 D . 18.99 12.57 -20.37
O2 SO4 D . 19.47 14.83 -21.17
O3 SO4 D . 18.16 13.31 -22.53
O4 SO4 D . 17.21 14.18 -20.50
S SO4 E . 11.18 16.46 -16.77
O1 SO4 E . 11.93 15.41 -17.49
O2 SO4 E . 11.99 17.01 -15.69
O3 SO4 E . 10.84 17.52 -17.73
O4 SO4 E . 9.93 15.87 -16.22
S SO4 F . 29.31 -2.75 -4.66
O1 SO4 F . 30.43 -3.69 -5.00
O2 SO4 F . 29.92 -1.61 -3.94
O3 SO4 F . 28.70 -2.38 -5.95
O4 SO4 F . 28.30 -3.48 -3.81
S SO4 G . 14.93 -3.14 16.34
O1 SO4 G . 16.10 -3.48 15.47
O2 SO4 G . 15.38 -2.80 17.70
O3 SO4 G . 13.97 -4.28 16.42
O4 SO4 G . 14.16 -1.98 15.79
S SO4 H . 13.70 21.10 6.40
O1 SO4 H . 15.08 20.98 5.79
O2 SO4 H . 13.68 20.94 7.88
O3 SO4 H . 12.76 20.13 5.78
O4 SO4 H . 13.19 22.46 6.15
S SO4 I . 23.04 19.27 -16.71
O1 SO4 I . 24.36 18.96 -16.09
O2 SO4 I . 23.26 20.11 -17.91
O3 SO4 I . 22.36 18.02 -17.12
O4 SO4 I . 22.23 20.09 -15.78
C1 EDO J . 12.68 14.14 11.17
O1 EDO J . 11.60 13.45 10.50
C2 EDO J . 12.80 15.61 10.74
O2 EDO J . 13.42 15.84 9.44
C1 EDO K . 14.26 19.59 11.51
O1 EDO K . 13.34 18.51 11.59
C2 EDO K . 14.13 20.15 12.90
O2 EDO K . 14.65 21.46 13.02
C1 EDO L . 9.87 26.72 16.66
O1 EDO L . 8.43 27.07 16.82
C2 EDO L . 10.84 26.96 17.90
O2 EDO L . 12.19 26.41 17.85
C1 GOL M . 14.70 21.89 19.34
O1 GOL M . 15.22 22.95 20.14
C2 GOL M . 14.63 20.55 20.08
O2 GOL M . 13.91 20.56 21.34
C3 GOL M . 13.93 19.64 19.09
O3 GOL M . 13.36 18.47 19.70
C1 GOL N . 5.82 23.18 18.55
O1 GOL N . 7.00 24.07 18.66
C2 GOL N . 6.05 21.74 19.08
O2 GOL N . 5.26 21.38 20.23
C3 GOL N . 5.89 20.56 18.07
O3 GOL N . 4.83 20.58 17.10
C FMT O . 32.96 39.73 7.86
O1 FMT O . 33.89 38.90 7.94
O2 FMT O . 32.60 40.43 8.96
S SO4 P . -21.66 -7.25 -4.79
O1 SO4 P . -21.37 -8.63 -4.34
O2 SO4 P . -20.47 -6.41 -4.60
O3 SO4 P . -21.96 -7.19 -6.23
O4 SO4 P . -22.81 -6.82 -3.98
S SO4 Q . -22.61 24.08 17.46
O1 SO4 Q . -22.39 22.76 18.14
O2 SO4 Q . -21.33 24.82 17.39
O3 SO4 Q . -23.13 23.90 16.08
O4 SO4 Q . -23.64 24.85 18.18
S SO4 R . -2.84 34.55 -1.02
O1 SO4 R . -1.73 34.22 -0.09
O2 SO4 R . -2.17 35.06 -2.26
O3 SO4 R . -3.78 33.45 -1.28
O4 SO4 R . -3.63 35.68 -0.44
S SO4 S . -9.80 38.88 0.66
O1 SO4 S . -9.24 37.58 1.13
O2 SO4 S . -8.74 39.88 0.92
O3 SO4 S . -10.13 38.96 -0.78
O4 SO4 S . -11.05 39.18 1.39
S SO4 T . -9.78 2.63 20.01
O1 SO4 T . -9.28 2.59 21.41
O2 SO4 T . -9.03 3.67 19.24
O3 SO4 T . -9.48 1.34 19.37
O4 SO4 T . -11.24 2.98 19.97
S SO4 U . 3.07 8.29 -22.03
O1 SO4 U . 4.03 8.37 -20.87
O2 SO4 U . 3.60 9.26 -23.04
O3 SO4 U . 3.03 6.93 -22.61
O4 SO4 U . 1.61 8.61 -21.70
S SO4 V . -8.84 25.24 -34.70
O1 SO4 V . -8.62 25.73 -36.08
O2 SO4 V . -7.49 25.07 -34.08
O3 SO4 V . -9.58 23.94 -34.70
O4 SO4 V . -9.63 26.25 -33.97
C1 EDO W . -7.22 28.32 19.93
C1 EDO W . -7.29 28.77 17.73
O1 EDO W . -7.92 28.74 18.72
O1 EDO W . -6.45 29.25 16.66
C2 EDO W . -7.20 26.78 20.01
C2 EDO W . -6.57 28.77 19.06
O2 EDO W . -8.38 26.34 20.63
O2 EDO W . -6.19 27.45 19.49
C1 EDO X . -7.52 4.93 -3.50
O1 EDO X . -7.42 3.49 -3.76
C2 EDO X . -6.48 5.27 -2.41
O2 EDO X . -6.44 6.67 -2.14
C1 EDO Y . -5.46 6.64 8.29
O1 EDO Y . -6.01 5.40 8.43
C2 EDO Y . -5.57 7.41 9.60
O2 EDO Y . -4.69 8.56 9.51
C1 GOL Z . -3.33 -1.24 -9.42
O1 GOL Z . -4.67 -0.94 -9.87
C2 GOL Z . -2.24 -0.18 -9.57
O2 GOL Z . -2.91 1.10 -9.70
C3 GOL Z . -1.25 -0.18 -8.36
O3 GOL Z . -1.01 -1.41 -7.59
C1 GOL AA . -8.16 -2.90 -6.07
O1 GOL AA . -8.17 -1.62 -6.73
C2 GOL AA . -7.50 -2.80 -4.69
O2 GOL AA . -7.43 -4.04 -3.92
C3 GOL AA . -8.21 -1.74 -3.87
O3 GOL AA . -7.27 -1.24 -2.88
C1 GOL BA . -6.11 9.64 -4.61
O1 GOL BA . -5.74 9.84 -3.23
C2 GOL BA . -5.99 10.93 -5.43
O2 GOL BA . -5.09 11.88 -4.82
C3 GOL BA . -7.32 11.59 -5.49
O3 GOL BA . -7.97 11.38 -4.25
S SO4 CA . -18.37 -21.74 20.49
O1 SO4 CA . -17.11 -22.04 21.24
O2 SO4 CA . -18.19 -20.53 19.67
O3 SO4 CA . -18.77 -22.87 19.60
O4 SO4 CA . -19.49 -21.46 21.40
S SO4 DA . -2.37 -51.81 21.30
O1 SO4 DA . -2.96 -52.26 22.58
O2 SO4 DA . -0.92 -51.55 21.47
O3 SO4 DA . -3.07 -50.57 20.92
O4 SO4 DA . -2.59 -52.81 20.22
S SO4 EA . 3.31 -45.24 19.34
O1 SO4 EA . 3.82 -46.63 19.22
O2 SO4 EA . 4.30 -44.23 18.88
O3 SO4 EA . 2.06 -45.11 18.58
O4 SO4 EA . 3.09 -45.04 20.78
S SO4 FA . -7.33 -62.32 -1.40
O1 SO4 FA . -6.19 -62.08 -0.50
O2 SO4 FA . -6.87 -62.09 -2.81
O3 SO4 FA . -8.52 -61.50 -1.03
O4 SO4 FA . -7.77 -63.73 -1.28
S SO4 GA . -16.06 -16.33 25.47
O1 SO4 GA . -14.60 -16.64 25.43
O2 SO4 GA . -16.19 -15.00 26.12
O3 SO4 GA . -16.64 -16.28 24.11
O4 SO4 GA . -16.79 -17.32 26.29
S SO4 HA . 4.67 -49.48 -19.21
O1 SO4 HA . 6.03 -49.97 -18.90
O2 SO4 HA . 4.80 -48.08 -19.70
O3 SO4 HA . 4.07 -50.34 -20.26
O4 SO4 HA . 3.81 -49.56 -18.01
C1 EDO IA . -2.18 -31.00 -5.49
O1 EDO IA . -2.34 -30.00 -6.53
C2 EDO IA . -0.93 -31.84 -5.77
O2 EDO IA . -0.12 -31.89 -4.59
#